data_7H7D
#
_entry.id   7H7D
#
_cell.length_a   87.685
_cell.length_b   87.685
_cell.length_c   85.750
_cell.angle_alpha   90.00
_cell.angle_beta   90.00
_cell.angle_gamma   120.00
#
_symmetry.space_group_name_H-M   'P 31'
#
loop_
_entity.id
_entity.type
_entity.pdbx_description
1 polymer 'Non-structural protein 3'
2 non-polymer 'DIMETHYL SULFOXIDE'
3 non-polymer 2-AMINO-2-HYDROXYMETHYL-PROPANE-1,3-DIOL
4 non-polymer 'CHLORIDE ION'
5 non-polymer N-[2-(dimethylamino)-2-oxoethyl]-4-methyl-1,3-thiazole-5-carboxamide
6 water water
#
_entity_poly.entity_id   1
_entity_poly.type   'polypeptide(L)'
_entity_poly.pdbx_seq_one_letter_code
;GAMAPSYRVKRMDIAKNDEECVVNAANPRGLPGDGVCKAVYKKWPESFKNSATPVGTAKTVMCGTYPVIHAVGPNFSNYT
ESEGDRELAAAYREVAKEVTRLGVNSVAIPLLSTGVYSGGKDRLTQSLNHLFTAMDSTDADVVIYCRDKEWEKKISEAIQ
MRT
;
_entity_poly.pdbx_strand_id   A,B,C,D
#
loop_
_chem_comp.id
_chem_comp.type
_chem_comp.name
_chem_comp.formula
A1AP6 non-polymer N-[2-(dimethylamino)-2-oxoethyl]-4-methyl-1,3-thiazole-5-carboxamide 'C9 H13 N3 O2 S'
CL non-polymer 'CHLORIDE ION' 'Cl -1'
DMS non-polymer 'DIMETHYL SULFOXIDE' 'C2 H6 O S'
TRS non-polymer 2-AMINO-2-HYDROXYMETHYL-PROPANE-1,3-DIOL 'C4 H12 N O3 1'
#
# COMPACT_ATOMS: atom_id res chain seq x y z
N GLY A 1 -22.68 -1.10 9.48
CA GLY A 1 -23.22 -2.35 8.81
C GLY A 1 -23.57 -2.07 7.35
N ALA A 2 -23.86 -3.13 6.58
CA ALA A 2 -24.34 -2.97 5.18
C ALA A 2 -25.81 -2.56 5.17
N MET A 3 -26.26 -1.81 4.16
CA MET A 3 -27.67 -1.32 4.12
C MET A 3 -28.65 -2.50 4.04
N ALA A 4 -28.28 -3.56 3.31
CA ALA A 4 -29.14 -4.76 3.16
C ALA A 4 -28.19 -5.96 3.15
N PRO A 5 -27.72 -6.35 4.35
CA PRO A 5 -26.72 -7.40 4.48
C PRO A 5 -27.03 -8.65 3.61
N SER A 6 -26.05 -9.13 2.86
CA SER A 6 -26.23 -10.19 1.84
C SER A 6 -25.15 -11.24 1.98
N TYR A 7 -25.38 -12.38 1.33
CA TYR A 7 -24.34 -13.39 1.03
C TYR A 7 -24.17 -13.46 -0.49
N ARG A 8 -22.92 -13.54 -0.93
CA ARG A 8 -22.57 -13.78 -2.35
C ARG A 8 -21.45 -14.79 -2.40
N VAL A 9 -21.26 -15.38 -3.56
CA VAL A 9 -20.14 -16.32 -3.81
C VAL A 9 -19.42 -15.93 -5.07
N LYS A 10 -18.08 -15.94 -5.04
CA LYS A 10 -17.25 -15.74 -6.24
C LYS A 10 -16.24 -16.86 -6.39
N ARG A 11 -15.99 -17.24 -7.64
CA ARG A 11 -14.95 -18.25 -7.96
C ARG A 11 -13.69 -17.52 -8.45
N MET A 12 -12.79 -17.22 -7.51
CA MET A 12 -11.53 -16.51 -7.79
C MET A 12 -10.66 -16.55 -6.52
N ASP A 13 -9.44 -16.11 -6.70
CA ASP A 13 -8.45 -15.98 -5.61
C ASP A 13 -8.90 -14.96 -4.57
N ILE A 14 -9.10 -15.40 -3.32
CA ILE A 14 -9.48 -14.49 -2.18
C ILE A 14 -8.43 -13.38 -1.97
N ALA A 15 -7.17 -13.55 -2.39
CA ALA A 15 -6.14 -12.49 -2.35
C ALA A 15 -6.46 -11.29 -3.25
N LYS A 16 -7.45 -11.40 -4.16
CA LYS A 16 -7.90 -10.31 -5.04
C LYS A 16 -9.31 -9.84 -4.62
N ASN A 17 -9.75 -10.09 -3.38
CA ASN A 17 -11.12 -9.73 -2.94
C ASN A 17 -11.36 -8.20 -3.02
N ASP A 18 -12.63 -7.83 -3.07
CA ASP A 18 -13.12 -6.42 -3.08
C ASP A 18 -13.86 -6.11 -1.78
N GLU A 19 -13.45 -6.70 -0.67
CA GLU A 19 -14.09 -6.52 0.65
C GLU A 19 -13.18 -5.76 1.64
N GLU A 20 -13.75 -5.29 2.73
CA GLU A 20 -13.02 -4.44 3.73
C GLU A 20 -12.10 -5.24 4.65
N CYS A 21 -12.17 -6.56 4.61
CA CYS A 21 -11.27 -7.44 5.38
C CYS A 21 -11.34 -8.85 4.80
N VAL A 22 -10.36 -9.68 5.16
CA VAL A 22 -10.24 -11.07 4.66
C VAL A 22 -10.12 -12.04 5.83
N VAL A 23 -10.70 -13.21 5.69
CA VAL A 23 -10.48 -14.36 6.61
C VAL A 23 -9.48 -15.28 5.92
N ASN A 24 -8.38 -15.56 6.61
CA ASN A 24 -7.37 -16.56 6.22
C ASN A 24 -7.79 -17.91 6.78
N ALA A 25 -7.75 -18.96 5.96
CA ALA A 25 -7.84 -20.37 6.41
C ALA A 25 -6.43 -20.76 6.89
N ALA A 26 -6.12 -20.36 8.10
CA ALA A 26 -4.78 -20.41 8.71
C ALA A 26 -4.46 -21.79 9.30
N ASN A 27 -3.18 -21.95 9.57
CA ASN A 27 -2.71 -23.06 10.44
C ASN A 27 -2.44 -22.50 11.82
N PRO A 28 -2.38 -23.36 12.85
CA PRO A 28 -2.24 -22.85 14.21
C PRO A 28 -0.89 -22.17 14.51
N ARG A 29 0.12 -22.41 13.69
CA ARG A 29 1.51 -21.94 13.97
C ARG A 29 1.81 -20.65 13.25
N GLY A 30 0.86 -20.09 12.51
CA GLY A 30 1.14 -18.87 11.73
C GLY A 30 2.15 -19.08 10.64
N LEU A 31 2.24 -20.29 10.07
CA LEU A 31 3.17 -20.62 8.95
C LEU A 31 2.52 -20.24 7.63
N PRO A 32 3.34 -19.94 6.59
CA PRO A 32 2.80 -19.62 5.26
C PRO A 32 1.86 -20.69 4.68
N GLY A 33 2.12 -21.97 4.95
CA GLY A 33 1.24 -23.08 4.57
C GLY A 33 1.05 -23.18 3.06
N ASP A 34 -0.09 -23.68 2.60
CA ASP A 34 -0.43 -23.77 1.15
C ASP A 34 -1.90 -23.42 0.94
N GLY A 35 -2.36 -23.48 -0.32
CA GLY A 35 -3.73 -23.10 -0.73
C GLY A 35 -4.04 -21.65 -0.40
N VAL A 36 -5.20 -21.38 0.19
CA VAL A 36 -5.65 -20.02 0.59
C VAL A 36 -4.55 -19.38 1.46
N CYS A 37 -4.03 -20.11 2.44
CA CYS A 37 -3.04 -19.58 3.41
C CYS A 37 -1.78 -19.02 2.71
N LYS A 38 -1.29 -19.71 1.67
CA LYS A 38 -0.08 -19.28 0.91
C LYS A 38 -0.39 -18.02 0.09
N ALA A 39 -1.59 -17.95 -0.52
CA ALA A 39 -2.01 -16.77 -1.32
C ALA A 39 -2.11 -15.57 -0.40
N VAL A 40 -2.65 -15.82 0.81
CA VAL A 40 -2.81 -14.74 1.85
C VAL A 40 -1.40 -14.32 2.27
N TYR A 41 -0.47 -15.28 2.48
CA TYR A 41 0.90 -14.94 2.91
C TYR A 41 1.60 -14.07 1.85
N LYS A 42 1.42 -14.38 0.58
CA LYS A 42 2.07 -13.61 -0.51
C LYS A 42 1.50 -12.19 -0.59
N LYS A 43 0.20 -12.03 -0.31
CA LYS A 43 -0.50 -10.72 -0.48
C LYS A 43 -0.32 -9.84 0.76
N TRP A 44 -0.35 -10.42 1.95
CA TRP A 44 -0.38 -9.69 3.23
C TRP A 44 0.63 -10.30 4.19
N PRO A 45 1.91 -10.43 3.82
CA PRO A 45 2.86 -11.14 4.70
C PRO A 45 3.05 -10.49 6.07
N GLU A 46 2.89 -9.17 6.19
CA GLU A 46 2.99 -8.42 7.46
C GLU A 46 1.95 -8.94 8.46
N SER A 47 0.83 -9.50 7.98
CA SER A 47 -0.26 -9.97 8.85
C SER A 47 0.12 -11.27 9.56
N PHE A 48 1.27 -11.86 9.25
CA PHE A 48 1.66 -13.13 9.92
C PHE A 48 2.62 -12.87 11.09
N LYS A 49 2.79 -11.61 11.50
CA LYS A 49 3.49 -11.33 12.79
C LYS A 49 2.62 -11.74 13.99
N ASN A 50 3.03 -12.75 14.76
CA ASN A 50 2.31 -13.22 15.97
C ASN A 50 0.87 -13.59 15.56
N SER A 51 0.72 -14.28 14.45
CA SER A 51 -0.63 -14.76 14.03
C SER A 51 -0.96 -16.17 14.59
N ALA A 52 0.00 -16.91 15.14
CA ALA A 52 -0.24 -18.26 15.72
C ALA A 52 -1.37 -18.20 16.75
N THR A 53 -2.30 -19.16 16.70
CA THR A 53 -3.53 -19.21 17.53
C THR A 53 -4.05 -20.64 17.52
N PRO A 54 -4.74 -21.11 18.58
CA PRO A 54 -5.16 -22.51 18.59
C PRO A 54 -6.28 -22.83 17.61
N VAL A 55 -6.48 -24.12 17.42
CA VAL A 55 -7.63 -24.63 16.61
C VAL A 55 -8.91 -24.12 17.24
N GLY A 56 -9.85 -23.67 16.40
CA GLY A 56 -11.18 -23.26 16.88
C GLY A 56 -11.24 -21.78 17.24
N THR A 57 -10.16 -21.05 16.99
CA THR A 57 -10.04 -19.59 17.29
C THR A 57 -9.72 -18.78 16.06
N ALA A 58 -9.84 -17.46 16.20
CA ALA A 58 -9.50 -16.48 15.16
C ALA A 58 -8.69 -15.37 15.81
N LYS A 59 -7.65 -14.96 15.13
CA LYS A 59 -6.79 -13.86 15.60
C LYS A 59 -6.60 -12.89 14.45
N THR A 60 -6.91 -11.59 14.66
CA THR A 60 -6.77 -10.56 13.62
C THR A 60 -5.41 -9.87 13.76
N VAL A 61 -4.71 -9.70 12.65
CA VAL A 61 -3.47 -8.90 12.55
C VAL A 61 -3.66 -7.96 11.36
N MET A 62 -3.36 -6.68 11.56
N MET A 62 -3.35 -6.69 11.57
CA MET A 62 -3.50 -5.63 10.53
CA MET A 62 -3.44 -5.64 10.53
C MET A 62 -2.32 -5.71 9.56
C MET A 62 -2.29 -5.81 9.54
N CYS A 63 -2.59 -5.59 8.26
CA CYS A 63 -1.58 -5.35 7.19
C CYS A 63 -1.81 -3.89 6.74
N GLY A 64 -1.04 -2.93 7.26
CA GLY A 64 -1.41 -1.51 7.11
C GLY A 64 -2.65 -1.23 7.93
N THR A 65 -3.76 -0.81 7.32
CA THR A 65 -5.08 -0.74 7.98
C THR A 65 -6.04 -1.82 7.49
N TYR A 66 -5.56 -2.78 6.71
CA TYR A 66 -6.41 -3.87 6.16
C TYR A 66 -6.38 -5.05 7.12
N PRO A 67 -7.52 -5.45 7.76
CA PRO A 67 -7.52 -6.57 8.72
C PRO A 67 -7.51 -7.96 8.07
N VAL A 68 -6.59 -8.80 8.54
CA VAL A 68 -6.51 -10.24 8.15
C VAL A 68 -6.91 -11.05 9.38
N ILE A 69 -8.07 -11.74 9.31
CA ILE A 69 -8.62 -12.52 10.43
C ILE A 69 -8.11 -13.98 10.21
N HIS A 70 -7.11 -14.40 10.94
CA HIS A 70 -6.57 -15.79 10.87
C HIS A 70 -7.51 -16.73 11.61
N ALA A 71 -8.24 -17.56 10.89
CA ALA A 71 -9.24 -18.49 11.48
C ALA A 71 -8.72 -19.93 11.32
N VAL A 72 -8.56 -20.63 12.44
CA VAL A 72 -7.93 -21.98 12.42
C VAL A 72 -9.01 -23.07 12.56
N GLY A 73 -9.39 -23.64 11.42
CA GLY A 73 -10.29 -24.77 11.36
C GLY A 73 -9.51 -26.04 11.71
N PRO A 74 -10.20 -27.07 12.20
CA PRO A 74 -9.57 -28.36 12.51
C PRO A 74 -9.08 -29.10 11.25
N ASN A 75 -7.96 -29.83 11.38
CA ASN A 75 -7.55 -30.81 10.35
C ASN A 75 -8.25 -32.14 10.68
N PHE A 76 -9.21 -32.56 9.88
CA PHE A 76 -10.05 -33.77 10.10
C PHE A 76 -9.19 -35.03 9.89
N SER A 77 -7.95 -34.91 9.43
CA SER A 77 -6.98 -36.06 9.52
C SER A 77 -6.69 -36.38 11.00
N ASN A 78 -6.70 -35.37 11.88
CA ASN A 78 -6.26 -35.50 13.28
C ASN A 78 -7.44 -35.62 14.25
N TYR A 79 -8.57 -34.95 13.98
CA TYR A 79 -9.75 -34.88 14.87
C TYR A 79 -10.71 -36.01 14.52
N THR A 80 -11.46 -36.50 15.49
CA THR A 80 -12.68 -37.33 15.28
C THR A 80 -13.72 -36.46 14.53
N GLU A 81 -14.67 -37.09 13.83
CA GLU A 81 -15.74 -36.32 13.15
C GLU A 81 -16.44 -35.40 14.16
N SER A 82 -16.74 -35.90 15.34
CA SER A 82 -17.49 -35.19 16.40
C SER A 82 -16.69 -33.98 16.92
N GLU A 83 -15.42 -34.17 17.25
CA GLU A 83 -14.61 -33.08 17.82
C GLU A 83 -14.29 -32.05 16.72
N GLY A 84 -14.03 -32.52 15.52
CA GLY A 84 -13.72 -31.68 14.36
C GLY A 84 -14.91 -30.80 14.07
N ASP A 85 -16.11 -31.38 14.09
CA ASP A 85 -17.34 -30.59 13.83
C ASP A 85 -17.47 -29.48 14.86
N ARG A 86 -17.20 -29.76 16.14
CA ARG A 86 -17.30 -28.75 17.24
C ARG A 86 -16.27 -27.63 17.03
N GLU A 87 -15.03 -27.96 16.69
CA GLU A 87 -13.97 -26.94 16.50
C GLU A 87 -14.28 -26.10 15.24
N LEU A 88 -14.86 -26.69 14.19
CA LEU A 88 -15.13 -25.97 12.92
C LEU A 88 -16.24 -24.93 13.19
N ALA A 89 -17.29 -25.34 13.88
CA ALA A 89 -18.34 -24.39 14.32
C ALA A 89 -17.72 -23.28 15.19
N ALA A 90 -16.82 -23.62 16.11
CA ALA A 90 -16.22 -22.60 17.00
C ALA A 90 -15.38 -21.60 16.18
N ALA A 91 -14.56 -22.05 15.25
CA ALA A 91 -13.70 -21.13 14.45
C ALA A 91 -14.60 -20.06 13.81
N TYR A 92 -15.72 -20.48 13.21
CA TYR A 92 -16.63 -19.50 12.56
C TYR A 92 -17.28 -18.56 13.60
N ARG A 93 -17.65 -19.04 14.78
CA ARG A 93 -18.22 -18.10 15.81
C ARG A 93 -17.16 -17.04 16.15
N GLU A 94 -15.87 -17.40 16.20
CA GLU A 94 -14.80 -16.43 16.56
C GLU A 94 -14.64 -15.47 15.37
N VAL A 95 -14.83 -15.91 14.13
CA VAL A 95 -14.81 -14.99 12.97
C VAL A 95 -15.92 -13.95 13.13
N ALA A 96 -17.13 -14.38 13.44
CA ALA A 96 -18.27 -13.44 13.62
C ALA A 96 -17.94 -12.37 14.67
N LYS A 97 -17.33 -12.76 15.79
CA LYS A 97 -16.93 -11.81 16.85
C LYS A 97 -15.93 -10.79 16.29
N GLU A 98 -14.91 -11.25 15.54
CA GLU A 98 -13.89 -10.33 15.02
C GLU A 98 -14.49 -9.38 13.99
N VAL A 99 -15.31 -9.88 13.06
CA VAL A 99 -15.93 -9.05 12.01
C VAL A 99 -16.76 -7.95 12.71
N THR A 100 -17.46 -8.33 13.76
CA THR A 100 -18.30 -7.37 14.55
C THR A 100 -17.40 -6.33 15.21
N ARG A 101 -16.37 -6.76 15.90
CA ARG A 101 -15.45 -5.87 16.64
C ARG A 101 -14.82 -4.84 15.69
N LEU A 102 -14.44 -5.25 14.48
CA LEU A 102 -13.71 -4.43 13.51
C LEU A 102 -14.63 -3.34 12.95
N GLY A 103 -15.95 -3.57 12.95
CA GLY A 103 -16.93 -2.59 12.42
C GLY A 103 -16.91 -2.52 10.91
N VAL A 104 -16.38 -3.54 10.22
CA VAL A 104 -16.38 -3.57 8.74
C VAL A 104 -17.80 -3.73 8.19
N ASN A 105 -18.01 -3.28 6.96
CA ASN A 105 -19.30 -3.48 6.26
C ASN A 105 -19.26 -4.68 5.33
N SER A 106 -18.11 -5.31 5.13
CA SER A 106 -17.96 -6.46 4.21
C SER A 106 -16.75 -7.29 4.64
N VAL A 107 -16.79 -8.57 4.31
CA VAL A 107 -15.72 -9.55 4.66
C VAL A 107 -15.67 -10.61 3.55
N ALA A 108 -14.47 -10.97 3.11
CA ALA A 108 -14.16 -12.08 2.18
C ALA A 108 -13.83 -13.32 3.05
N ILE A 109 -14.47 -14.46 2.81
N ILE A 109 -14.54 -14.43 2.86
CA ILE A 109 -14.31 -15.66 3.67
CA ILE A 109 -14.38 -15.68 3.68
C ILE A 109 -14.24 -16.92 2.81
C ILE A 109 -14.18 -16.87 2.75
N PRO A 110 -13.25 -17.80 3.08
CA PRO A 110 -13.18 -19.11 2.42
C PRO A 110 -13.98 -20.13 3.25
N LEU A 111 -14.27 -21.31 2.69
CA LEU A 111 -14.90 -22.39 3.50
C LEU A 111 -13.78 -23.14 4.25
N LEU A 112 -13.76 -22.96 5.57
CA LEU A 112 -12.74 -23.58 6.45
C LEU A 112 -12.86 -25.10 6.42
N SER A 113 -11.68 -25.74 6.47
CA SER A 113 -11.52 -27.22 6.62
C SER A 113 -12.07 -27.96 5.39
N THR A 114 -12.13 -27.33 4.23
CA THR A 114 -12.65 -27.99 2.99
C THR A 114 -11.55 -28.40 2.01
N GLY A 115 -10.30 -27.97 2.27
CA GLY A 115 -9.12 -28.26 1.43
C GLY A 115 -8.26 -29.36 2.04
N VAL A 116 -6.98 -29.06 2.30
CA VAL A 116 -6.01 -30.06 2.84
C VAL A 116 -6.43 -30.51 4.24
N TYR A 117 -7.28 -29.74 4.94
CA TYR A 117 -7.74 -30.09 6.31
C TYR A 117 -9.05 -30.90 6.27
N SER A 118 -9.56 -31.27 5.09
CA SER A 118 -10.87 -31.98 4.95
C SER A 118 -10.77 -33.47 5.32
N GLY A 119 -9.56 -34.02 5.49
CA GLY A 119 -9.40 -35.46 5.76
C GLY A 119 -9.94 -36.28 4.59
N GLY A 120 -9.85 -35.73 3.37
CA GLY A 120 -10.25 -36.35 2.09
C GLY A 120 -11.76 -36.47 1.90
N LYS A 121 -12.59 -35.71 2.63
CA LYS A 121 -14.07 -35.75 2.52
C LYS A 121 -14.58 -34.42 1.95
N ASP A 122 -15.74 -34.48 1.31
CA ASP A 122 -16.47 -33.29 0.80
C ASP A 122 -17.19 -32.69 2.00
N ARG A 123 -16.77 -31.49 2.42
CA ARG A 123 -17.35 -30.82 3.61
C ARG A 123 -17.96 -29.48 3.21
N LEU A 124 -18.33 -29.31 1.92
CA LEU A 124 -18.97 -28.05 1.46
C LEU A 124 -20.14 -27.72 2.38
N THR A 125 -21.14 -28.62 2.47
CA THR A 125 -22.40 -28.37 3.20
C THR A 125 -22.12 -28.17 4.70
N GLN A 126 -21.26 -28.98 5.27
CA GLN A 126 -20.94 -28.91 6.73
C GLN A 126 -20.31 -27.54 7.04
N SER A 127 -19.32 -27.15 6.25
CA SER A 127 -18.53 -25.92 6.50
C SER A 127 -19.43 -24.70 6.24
N LEU A 128 -20.19 -24.73 5.14
CA LEU A 128 -21.07 -23.58 4.76
C LEU A 128 -22.15 -23.40 5.82
N ASN A 129 -22.69 -24.48 6.37
CA ASN A 129 -23.81 -24.36 7.35
C ASN A 129 -23.25 -23.76 8.63
N HIS A 130 -22.00 -24.08 8.99
CA HIS A 130 -21.41 -23.48 10.21
C HIS A 130 -21.11 -21.99 9.96
N LEU A 131 -20.72 -21.66 8.74
CA LEU A 131 -20.49 -20.26 8.33
C LEU A 131 -21.80 -19.49 8.53
N PHE A 132 -22.90 -20.03 8.00
CA PHE A 132 -24.23 -19.36 8.15
C PHE A 132 -24.58 -19.22 9.62
N THR A 133 -24.46 -20.27 10.43
CA THR A 133 -24.87 -20.24 11.86
C THR A 133 -24.19 -19.04 12.54
N ALA A 134 -22.92 -18.81 12.21
CA ALA A 134 -22.13 -17.75 12.86
C ALA A 134 -22.48 -16.39 12.28
N MET A 135 -22.56 -16.26 10.98
CA MET A 135 -22.55 -14.95 10.30
C MET A 135 -23.98 -14.44 10.15
N ASP A 136 -25.00 -15.27 10.35
CA ASP A 136 -26.40 -14.81 10.09
C ASP A 136 -26.78 -13.62 10.95
N SER A 137 -26.24 -13.51 12.16
CA SER A 137 -26.58 -12.45 13.12
C SER A 137 -25.70 -11.21 12.92
N THR A 138 -24.70 -11.27 12.02
CA THR A 138 -23.87 -10.07 11.71
C THR A 138 -24.53 -9.28 10.56
N ASP A 139 -24.20 -7.99 10.42
CA ASP A 139 -24.77 -7.15 9.34
C ASP A 139 -23.70 -6.79 8.30
N ALA A 140 -22.58 -7.52 8.25
CA ALA A 140 -21.62 -7.34 7.15
C ALA A 140 -22.07 -8.05 5.87
N ASP A 141 -21.79 -7.49 4.70
CA ASP A 141 -21.91 -8.21 3.41
C ASP A 141 -20.84 -9.32 3.45
N VAL A 142 -21.26 -10.58 3.28
CA VAL A 142 -20.31 -11.72 3.28
C VAL A 142 -20.10 -12.17 1.84
N VAL A 143 -18.87 -12.28 1.38
CA VAL A 143 -18.54 -12.77 0.02
C VAL A 143 -17.67 -14.01 0.22
N ILE A 144 -18.21 -15.17 -0.15
CA ILE A 144 -17.53 -16.49 -0.02
C ILE A 144 -16.70 -16.71 -1.27
N TYR A 145 -15.43 -17.08 -1.11
CA TYR A 145 -14.52 -17.34 -2.24
C TYR A 145 -14.28 -18.84 -2.34
N CYS A 146 -14.35 -19.37 -3.56
CA CYS A 146 -14.06 -20.78 -3.86
C CYS A 146 -13.27 -20.86 -5.16
N ARG A 147 -12.77 -22.05 -5.52
CA ARG A 147 -11.97 -22.21 -6.76
C ARG A 147 -12.65 -23.15 -7.77
N ASP A 148 -13.55 -24.00 -7.32
CA ASP A 148 -14.12 -25.08 -8.17
C ASP A 148 -15.47 -24.62 -8.75
N LYS A 149 -15.70 -24.85 -10.05
CA LYS A 149 -16.95 -24.42 -10.74
C LYS A 149 -18.18 -25.10 -10.14
N GLU A 150 -18.08 -26.39 -9.82
CA GLU A 150 -19.22 -27.15 -9.23
C GLU A 150 -19.52 -26.63 -7.81
N TRP A 151 -18.48 -26.32 -7.03
CA TRP A 151 -18.66 -25.71 -5.69
C TRP A 151 -19.36 -24.35 -5.81
N GLU A 152 -18.98 -23.51 -6.76
CA GLU A 152 -19.61 -22.17 -6.97
C GLU A 152 -21.12 -22.35 -7.14
N LYS A 153 -21.52 -23.29 -7.99
CA LYS A 153 -22.96 -23.59 -8.27
C LYS A 153 -23.65 -24.04 -6.98
N LYS A 154 -23.06 -24.98 -6.23
CA LYS A 154 -23.66 -25.54 -4.99
C LYS A 154 -23.78 -24.44 -3.93
N ILE A 155 -22.74 -23.63 -3.73
CA ILE A 155 -22.78 -22.52 -2.75
C ILE A 155 -23.86 -21.49 -3.15
N SER A 156 -23.91 -21.15 -4.43
CA SER A 156 -24.89 -20.17 -4.95
C SER A 156 -26.31 -20.69 -4.69
N GLU A 157 -26.55 -21.97 -4.98
CA GLU A 157 -27.88 -22.58 -4.77
C GLU A 157 -28.26 -22.50 -3.29
N ALA A 158 -27.34 -22.82 -2.38
CA ALA A 158 -27.59 -22.83 -0.92
C ALA A 158 -27.91 -21.41 -0.45
N ILE A 159 -27.24 -20.39 -1.00
CA ILE A 159 -27.55 -18.98 -0.63
C ILE A 159 -28.99 -18.67 -1.09
N GLN A 160 -29.27 -18.93 -2.36
CA GLN A 160 -30.53 -18.53 -3.03
C GLN A 160 -31.73 -19.24 -2.37
N MET A 161 -31.53 -20.49 -1.90
CA MET A 161 -32.56 -21.32 -1.24
C MET A 161 -33.15 -20.59 -0.03
N ARG A 162 -32.36 -19.83 0.70
CA ARG A 162 -32.84 -19.15 1.95
C ARG A 162 -33.52 -17.83 1.55
N THR A 163 -33.36 -17.46 0.27
CA THR A 163 -34.07 -16.46 -0.58
C THR A 163 -33.04 -15.44 -1.06
N GLY B 1 -23.99 11.24 -22.32
CA GLY B 1 -22.74 11.51 -23.10
C GLY B 1 -21.88 12.55 -22.42
N ALA B 2 -20.61 12.65 -22.84
CA ALA B 2 -19.65 13.70 -22.39
C ALA B 2 -20.12 15.05 -22.96
N MET B 3 -20.03 16.12 -22.17
CA MET B 3 -20.57 17.45 -22.56
C MET B 3 -19.92 17.87 -23.88
N ALA B 4 -18.64 17.55 -24.08
CA ALA B 4 -17.88 17.81 -25.31
C ALA B 4 -17.06 16.58 -25.64
N PRO B 5 -17.66 15.57 -26.31
CA PRO B 5 -16.98 14.30 -26.59
C PRO B 5 -15.57 14.51 -27.16
N SER B 6 -14.56 13.86 -26.56
CA SER B 6 -13.14 14.03 -26.93
C SER B 6 -12.42 12.68 -27.01
N TYR B 7 -11.23 12.71 -27.62
CA TYR B 7 -10.23 11.62 -27.59
C TYR B 7 -9.03 12.13 -26.77
N ARG B 8 -8.48 11.32 -25.87
CA ARG B 8 -7.18 11.62 -25.18
C ARG B 8 -6.32 10.36 -25.15
N VAL B 9 -5.00 10.54 -25.09
CA VAL B 9 -4.02 9.41 -25.00
C VAL B 9 -3.22 9.56 -23.70
N LYS B 10 -3.19 8.49 -22.89
CA LYS B 10 -2.37 8.35 -21.65
C LYS B 10 -1.40 7.16 -21.81
N ARG B 11 -0.12 7.36 -21.47
CA ARG B 11 0.89 6.28 -21.43
C ARG B 11 0.97 5.74 -20.00
N MET B 12 0.24 4.66 -19.71
CA MET B 12 0.20 3.95 -18.41
C MET B 12 -0.61 2.66 -18.57
N ASP B 13 -0.58 1.83 -17.54
CA ASP B 13 -1.34 0.56 -17.37
C ASP B 13 -2.84 0.90 -17.41
N ILE B 14 -3.51 0.41 -18.45
CA ILE B 14 -4.99 0.57 -18.63
C ILE B 14 -5.73 0.01 -17.42
N ALA B 15 -5.08 -0.86 -16.63
CA ALA B 15 -5.60 -1.39 -15.34
C ALA B 15 -5.91 -0.28 -14.31
N LYS B 16 -5.19 0.84 -14.40
CA LYS B 16 -5.29 2.00 -13.47
C LYS B 16 -5.93 3.20 -14.17
N ASN B 17 -6.80 2.98 -15.15
CA ASN B 17 -7.46 4.07 -15.92
C ASN B 17 -8.51 4.74 -15.02
N ASP B 18 -8.90 5.98 -15.32
CA ASP B 18 -9.87 6.75 -14.51
C ASP B 18 -11.25 6.81 -15.20
N GLU B 19 -11.48 6.03 -16.26
CA GLU B 19 -12.71 6.13 -17.09
C GLU B 19 -13.76 5.17 -16.55
N GLU B 20 -15.00 5.23 -17.03
CA GLU B 20 -16.17 4.52 -16.47
C GLU B 20 -16.26 3.05 -16.93
N CYS B 21 -15.44 2.65 -17.89
CA CYS B 21 -15.39 1.23 -18.34
C CYS B 21 -14.10 1.03 -19.12
N VAL B 22 -13.71 -0.24 -19.32
CA VAL B 22 -12.42 -0.61 -19.96
C VAL B 22 -12.69 -1.64 -21.08
N VAL B 23 -11.90 -1.48 -22.13
CA VAL B 23 -11.81 -2.48 -23.23
C VAL B 23 -10.55 -3.31 -23.00
N ASN B 24 -10.77 -4.61 -22.83
CA ASN B 24 -9.71 -5.63 -22.78
C ASN B 24 -9.34 -6.03 -24.21
N ALA B 25 -8.06 -6.05 -24.53
CA ALA B 25 -7.54 -6.70 -25.75
C ALA B 25 -7.52 -8.22 -25.50
N ALA B 26 -8.65 -8.88 -25.69
CA ALA B 26 -8.90 -10.25 -25.22
C ALA B 26 -8.44 -11.29 -26.24
N ASN B 27 -8.28 -12.53 -25.78
CA ASN B 27 -8.18 -13.70 -26.68
C ASN B 27 -9.56 -14.33 -26.77
N PRO B 28 -9.83 -15.15 -27.79
CA PRO B 28 -11.15 -15.75 -27.99
C PRO B 28 -11.59 -16.73 -26.88
N ARG B 29 -10.68 -17.23 -26.05
CA ARG B 29 -11.04 -18.33 -25.12
C ARG B 29 -11.24 -17.79 -23.71
N GLY B 30 -11.08 -16.48 -23.50
CA GLY B 30 -11.16 -15.86 -22.17
C GLY B 30 -10.05 -16.32 -21.25
N LEU B 31 -8.84 -16.51 -21.79
CA LEU B 31 -7.63 -16.85 -20.99
C LEU B 31 -6.93 -15.57 -20.54
N PRO B 32 -6.07 -15.63 -19.50
CA PRO B 32 -5.34 -14.46 -19.02
C PRO B 32 -4.39 -13.73 -19.99
N GLY B 33 -3.75 -14.46 -20.90
CA GLY B 33 -3.05 -13.83 -22.05
C GLY B 33 -1.84 -12.99 -21.68
N ASP B 34 -1.48 -12.01 -22.51
CA ASP B 34 -0.26 -11.17 -22.31
C ASP B 34 -0.65 -9.70 -22.35
N GLY B 35 0.34 -8.82 -22.08
CA GLY B 35 0.21 -7.36 -22.19
C GLY B 35 -1.05 -6.85 -21.51
N VAL B 36 -1.87 -6.06 -22.22
CA VAL B 36 -3.15 -5.50 -21.70
C VAL B 36 -3.98 -6.59 -21.03
N CYS B 37 -4.16 -7.75 -21.68
CA CYS B 37 -5.05 -8.82 -21.18
C CYS B 37 -4.58 -9.33 -19.80
N LYS B 38 -3.27 -9.47 -19.63
CA LYS B 38 -2.64 -9.92 -18.35
C LYS B 38 -2.89 -8.84 -17.29
N ALA B 39 -2.64 -7.57 -17.64
CA ALA B 39 -2.86 -6.39 -16.75
C ALA B 39 -4.34 -6.32 -16.35
N VAL B 40 -5.24 -6.58 -17.30
CA VAL B 40 -6.71 -6.61 -17.05
C VAL B 40 -7.10 -7.80 -16.17
N TYR B 41 -6.45 -8.94 -16.37
CA TYR B 41 -6.60 -10.11 -15.48
C TYR B 41 -6.03 -9.76 -14.09
N LYS B 42 -4.94 -9.01 -14.00
CA LYS B 42 -4.30 -8.68 -12.69
C LYS B 42 -5.20 -7.72 -11.90
N LYS B 43 -5.87 -6.79 -12.59
CA LYS B 43 -6.66 -5.71 -11.94
C LYS B 43 -8.12 -6.13 -11.72
N TRP B 44 -8.75 -6.75 -12.73
CA TRP B 44 -10.21 -7.07 -12.71
C TRP B 44 -10.45 -8.56 -13.01
N PRO B 45 -9.96 -9.50 -12.17
CA PRO B 45 -10.15 -10.94 -12.40
C PRO B 45 -11.53 -11.57 -12.70
N GLU B 46 -12.63 -11.26 -12.00
CA GLU B 46 -13.88 -12.09 -12.17
C GLU B 46 -14.60 -11.72 -13.47
N SER B 47 -14.16 -10.64 -14.10
CA SER B 47 -14.58 -10.13 -15.46
C SER B 47 -14.29 -11.22 -16.49
N PHE B 48 -13.47 -12.23 -16.20
CA PHE B 48 -13.18 -13.31 -17.17
C PHE B 48 -14.17 -14.47 -17.07
N LYS B 49 -15.12 -14.46 -16.12
CA LYS B 49 -16.18 -15.49 -16.13
C LYS B 49 -16.99 -15.39 -17.42
N ASN B 50 -17.00 -16.49 -18.19
CA ASN B 50 -17.69 -16.72 -19.48
C ASN B 50 -17.43 -15.56 -20.46
N SER B 51 -16.16 -15.10 -20.54
CA SER B 51 -15.73 -13.99 -21.42
C SER B 51 -15.43 -14.48 -22.84
N ALA B 52 -15.26 -15.80 -23.03
CA ALA B 52 -14.93 -16.39 -24.36
C ALA B 52 -15.92 -15.94 -25.46
N THR B 53 -15.38 -15.47 -26.58
CA THR B 53 -16.19 -14.91 -27.70
C THR B 53 -15.32 -14.94 -28.97
N PRO B 54 -15.91 -15.08 -30.17
CA PRO B 54 -15.14 -15.16 -31.39
C PRO B 54 -14.38 -13.90 -31.79
N VAL B 55 -13.40 -14.12 -32.67
CA VAL B 55 -12.64 -13.02 -33.31
C VAL B 55 -13.64 -12.09 -34.02
N GLY B 56 -13.41 -10.78 -33.86
CA GLY B 56 -14.24 -9.74 -34.47
C GLY B 56 -15.44 -9.33 -33.62
N THR B 57 -15.55 -9.85 -32.40
CA THR B 57 -16.70 -9.58 -31.48
C THR B 57 -16.24 -9.01 -30.16
N ALA B 58 -17.19 -8.47 -29.42
CA ALA B 58 -16.95 -7.95 -28.07
C ALA B 58 -18.01 -8.52 -27.15
N LYS B 59 -17.58 -8.96 -25.95
CA LYS B 59 -18.48 -9.53 -24.92
C LYS B 59 -18.23 -8.81 -23.59
N THR B 60 -19.25 -8.16 -23.00
CA THR B 60 -19.10 -7.37 -21.76
C THR B 60 -19.46 -8.26 -20.55
N VAL B 61 -18.58 -8.26 -19.57
CA VAL B 61 -18.82 -8.93 -18.27
C VAL B 61 -18.66 -7.86 -17.18
N MET B 62 -19.77 -7.74 -16.44
CA MET B 62 -20.02 -6.85 -15.28
C MET B 62 -19.39 -7.54 -14.08
N CYS B 63 -18.45 -6.83 -13.50
CA CYS B 63 -17.99 -6.97 -12.10
C CYS B 63 -18.64 -5.93 -11.20
N GLY B 64 -19.74 -6.32 -10.56
CA GLY B 64 -20.62 -5.40 -9.81
C GLY B 64 -21.19 -4.40 -10.79
N THR B 65 -20.60 -3.21 -10.83
CA THR B 65 -20.99 -2.14 -11.79
C THR B 65 -19.95 -1.98 -12.90
N TYR B 66 -18.63 -2.06 -12.64
CA TYR B 66 -17.54 -1.69 -13.61
C TYR B 66 -17.53 -2.64 -14.80
N PRO B 67 -17.94 -2.18 -16.01
CA PRO B 67 -18.03 -3.04 -17.20
C PRO B 67 -16.65 -3.23 -17.83
N VAL B 68 -16.31 -4.49 -18.07
CA VAL B 68 -15.09 -4.90 -18.86
C VAL B 68 -15.59 -5.42 -20.20
N ILE B 69 -15.24 -4.72 -21.27
CA ILE B 69 -15.63 -5.11 -22.65
C ILE B 69 -14.46 -5.90 -23.27
N HIS B 70 -14.66 -7.20 -23.37
CA HIS B 70 -13.66 -8.14 -23.97
C HIS B 70 -13.79 -8.05 -25.49
N ALA B 71 -12.83 -7.37 -26.15
CA ALA B 71 -12.79 -7.17 -27.61
C ALA B 71 -11.72 -8.08 -28.23
N VAL B 72 -12.12 -8.99 -29.12
CA VAL B 72 -11.17 -9.99 -29.70
C VAL B 72 -10.73 -9.51 -31.08
N GLY B 73 -9.57 -8.88 -31.15
CA GLY B 73 -8.92 -8.58 -32.44
C GLY B 73 -8.26 -9.83 -33.01
N PRO B 74 -8.06 -9.85 -34.33
CA PRO B 74 -7.42 -10.98 -35.01
C PRO B 74 -5.94 -11.05 -34.66
N ASN B 75 -5.43 -12.30 -34.65
CA ASN B 75 -3.97 -12.58 -34.59
C ASN B 75 -3.47 -12.60 -36.04
N PHE B 76 -2.72 -11.59 -36.43
CA PHE B 76 -2.18 -11.46 -37.82
C PHE B 76 -1.11 -12.53 -38.09
N SER B 77 -0.65 -13.30 -37.09
CA SER B 77 0.12 -14.54 -37.38
C SER B 77 -0.77 -15.58 -38.10
N ASN B 78 -2.08 -15.59 -37.87
CA ASN B 78 -3.03 -16.59 -38.37
C ASN B 78 -3.85 -16.08 -39.55
N TYR B 79 -4.24 -14.81 -39.53
CA TYR B 79 -5.11 -14.15 -40.54
C TYR B 79 -4.23 -13.57 -41.65
N THR B 80 -4.74 -13.57 -42.86
CA THR B 80 -4.19 -12.75 -43.96
C THR B 80 -4.38 -11.26 -43.65
N GLU B 81 -3.60 -10.41 -44.29
CA GLU B 81 -3.76 -8.94 -44.15
C GLU B 81 -5.23 -8.58 -44.46
N SER B 82 -5.78 -9.13 -45.54
CA SER B 82 -7.16 -8.79 -45.99
C SER B 82 -8.18 -9.24 -44.93
N GLU B 83 -8.11 -10.50 -44.49
CA GLU B 83 -9.16 -11.04 -43.61
C GLU B 83 -9.01 -10.42 -42.22
N GLY B 84 -7.76 -10.24 -41.78
CA GLY B 84 -7.40 -9.57 -40.51
C GLY B 84 -7.93 -8.15 -40.48
N ASP B 85 -7.79 -7.39 -41.56
CA ASP B 85 -8.24 -5.98 -41.59
C ASP B 85 -9.75 -5.93 -41.33
N ARG B 86 -10.50 -6.86 -41.91
CA ARG B 86 -11.97 -6.92 -41.77
C ARG B 86 -12.32 -7.23 -40.31
N GLU B 87 -11.65 -8.23 -39.71
CA GLU B 87 -11.96 -8.63 -38.31
C GLU B 87 -11.58 -7.54 -37.31
N LEU B 88 -10.50 -6.81 -37.58
CA LEU B 88 -10.04 -5.71 -36.68
C LEU B 88 -11.08 -4.58 -36.71
N ALA B 89 -11.57 -4.22 -37.90
CA ALA B 89 -12.66 -3.22 -38.04
C ALA B 89 -13.89 -3.70 -37.27
N ALA B 90 -14.23 -4.99 -37.37
CA ALA B 90 -15.46 -5.57 -36.78
C ALA B 90 -15.37 -5.50 -35.25
N ALA B 91 -14.22 -5.84 -34.67
CA ALA B 91 -14.06 -5.83 -33.20
C ALA B 91 -14.35 -4.43 -32.70
N TYR B 92 -13.80 -3.42 -33.37
CA TYR B 92 -14.01 -2.03 -32.91
C TYR B 92 -15.48 -1.65 -33.10
N ARG B 93 -16.14 -2.05 -34.20
CA ARG B 93 -17.58 -1.74 -34.35
C ARG B 93 -18.39 -2.32 -33.18
N GLU B 94 -18.07 -3.53 -32.72
N GLU B 94 -18.03 -3.50 -32.69
CA GLU B 94 -18.79 -4.18 -31.58
CA GLU B 94 -18.78 -4.18 -31.61
C GLU B 94 -18.49 -3.40 -30.29
C GLU B 94 -18.47 -3.48 -30.28
N VAL B 95 -17.26 -2.91 -30.12
CA VAL B 95 -16.91 -2.06 -28.95
C VAL B 95 -17.83 -0.81 -28.95
N ALA B 96 -17.98 -0.12 -30.07
CA ALA B 96 -18.85 1.08 -30.17
C ALA B 96 -20.26 0.75 -29.73
N LYS B 97 -20.78 -0.38 -30.20
CA LYS B 97 -22.16 -0.79 -29.88
C LYS B 97 -22.28 -1.02 -28.36
N GLU B 98 -21.29 -1.67 -27.76
CA GLU B 98 -21.35 -1.99 -26.31
C GLU B 98 -21.25 -0.70 -25.49
N VAL B 99 -20.33 0.18 -25.82
CA VAL B 99 -20.15 1.48 -25.13
C VAL B 99 -21.48 2.22 -25.18
N THR B 100 -22.13 2.22 -26.35
CA THR B 100 -23.44 2.90 -26.51
C THR B 100 -24.48 2.23 -25.61
N ARG B 101 -24.60 0.91 -25.68
CA ARG B 101 -25.60 0.13 -24.90
C ARG B 101 -25.43 0.41 -23.40
N LEU B 102 -24.20 0.51 -22.91
CA LEU B 102 -23.88 0.64 -21.46
C LEU B 102 -24.26 2.04 -20.94
N GLY B 103 -24.29 3.07 -21.79
CA GLY B 103 -24.64 4.45 -21.38
C GLY B 103 -23.51 5.17 -20.66
N VAL B 104 -22.26 4.70 -20.75
CA VAL B 104 -21.09 5.36 -20.10
C VAL B 104 -20.81 6.70 -20.76
N ASN B 105 -20.17 7.61 -20.04
CA ASN B 105 -19.68 8.89 -20.58
C ASN B 105 -18.17 8.83 -20.82
N SER B 106 -17.53 7.72 -20.46
CA SER B 106 -16.08 7.55 -20.67
C SER B 106 -15.74 6.06 -20.84
N VAL B 107 -14.64 5.82 -21.58
CA VAL B 107 -14.10 4.46 -21.90
C VAL B 107 -12.59 4.58 -22.12
N ALA B 108 -11.87 3.63 -21.51
CA ALA B 108 -10.43 3.36 -21.65
C ALA B 108 -10.30 2.24 -22.69
N ILE B 109 -9.52 2.47 -23.74
N ILE B 109 -9.54 2.49 -23.75
CA ILE B 109 -9.41 1.52 -24.88
CA ILE B 109 -9.39 1.59 -24.94
C ILE B 109 -7.94 1.39 -25.29
C ILE B 109 -7.90 1.39 -25.23
N PRO B 110 -7.45 0.14 -25.46
CA PRO B 110 -6.11 -0.10 -25.99
C PRO B 110 -6.17 -0.21 -27.52
N LEU B 111 -5.03 -0.20 -28.21
CA LEU B 111 -4.99 -0.44 -29.67
C LEU B 111 -4.97 -1.95 -29.93
N LEU B 112 -6.10 -2.50 -30.35
CA LEU B 112 -6.26 -3.92 -30.64
C LEU B 112 -5.28 -4.35 -31.74
N SER B 113 -4.78 -5.57 -31.58
CA SER B 113 -3.93 -6.29 -32.57
C SER B 113 -2.57 -5.59 -32.75
N THR B 114 -2.09 -4.82 -31.77
CA THR B 114 -0.80 -4.07 -31.91
C THR B 114 0.34 -4.75 -31.15
N GLY B 115 0.05 -5.73 -30.30
CA GLY B 115 1.04 -6.40 -29.44
C GLY B 115 1.38 -7.77 -29.98
N VAL B 116 1.21 -8.83 -29.20
CA VAL B 116 1.53 -10.22 -29.64
C VAL B 116 0.58 -10.68 -30.76
N TYR B 117 -0.54 -10.00 -31.06
CA TYR B 117 -1.36 -10.33 -32.28
C TYR B 117 -0.96 -9.53 -33.53
N SER B 118 0.09 -8.70 -33.50
CA SER B 118 0.52 -7.84 -34.65
C SER B 118 1.19 -8.63 -35.81
N GLY B 119 1.58 -9.90 -35.59
CA GLY B 119 2.32 -10.67 -36.59
C GLY B 119 3.65 -10.00 -36.90
N GLY B 120 4.21 -9.30 -35.91
CA GLY B 120 5.54 -8.66 -36.02
C GLY B 120 5.54 -7.34 -36.78
N LYS B 121 4.38 -6.74 -37.08
CA LYS B 121 4.28 -5.49 -37.87
C LYS B 121 3.85 -4.34 -36.95
N ASP B 122 4.26 -3.11 -37.28
CA ASP B 122 3.81 -1.86 -36.63
C ASP B 122 2.39 -1.57 -37.12
N ARG B 123 1.39 -1.68 -36.24
CA ARG B 123 -0.04 -1.53 -36.65
C ARG B 123 -0.70 -0.33 -35.97
N LEU B 124 0.08 0.65 -35.51
CA LEU B 124 -0.47 1.80 -34.75
C LEU B 124 -1.50 2.49 -35.63
N THR B 125 -1.11 2.89 -36.84
CA THR B 125 -1.98 3.68 -37.76
C THR B 125 -3.21 2.86 -38.13
N GLN B 126 -3.02 1.61 -38.51
CA GLN B 126 -4.12 0.71 -38.89
C GLN B 126 -5.13 0.60 -37.75
N SER B 127 -4.66 0.30 -36.55
CA SER B 127 -5.57 -0.01 -35.41
C SER B 127 -6.25 1.29 -35.00
N LEU B 128 -5.51 2.39 -34.94
CA LEU B 128 -6.10 3.68 -34.53
C LEU B 128 -7.14 4.13 -35.58
N ASN B 129 -6.92 3.90 -36.87
CA ASN B 129 -7.89 4.28 -37.94
C ASN B 129 -9.20 3.50 -37.72
N HIS B 130 -9.12 2.21 -37.40
CA HIS B 130 -10.36 1.41 -37.15
C HIS B 130 -11.02 1.85 -35.85
N LEU B 131 -10.25 2.30 -34.86
CA LEU B 131 -10.76 2.78 -33.56
C LEU B 131 -11.61 4.02 -33.85
N PHE B 132 -11.03 4.97 -34.57
CA PHE B 132 -11.76 6.23 -34.92
C PHE B 132 -13.00 5.92 -35.77
N THR B 133 -12.90 5.05 -36.80
CA THR B 133 -14.06 4.75 -37.67
C THR B 133 -15.26 4.30 -36.82
N ALA B 134 -15.02 3.47 -35.82
CA ALA B 134 -16.06 2.94 -34.92
C ALA B 134 -16.50 3.99 -33.92
N MET B 135 -15.56 4.67 -33.25
CA MET B 135 -15.89 5.42 -32.04
C MET B 135 -16.34 6.86 -32.42
N ASP B 136 -16.05 7.33 -33.63
CA ASP B 136 -16.33 8.76 -33.98
C ASP B 136 -17.82 9.09 -33.74
N SER B 137 -18.74 8.15 -33.98
CA SER B 137 -20.21 8.41 -33.91
C SER B 137 -20.72 8.26 -32.48
N THR B 138 -19.90 7.83 -31.51
CA THR B 138 -20.29 7.70 -30.08
C THR B 138 -20.00 9.03 -29.37
N ASP B 139 -20.70 9.29 -28.27
CA ASP B 139 -20.47 10.55 -27.51
C ASP B 139 -19.72 10.30 -26.21
N ALA B 140 -19.13 9.11 -26.00
CA ALA B 140 -18.33 8.86 -24.78
C ALA B 140 -16.98 9.56 -24.92
N ASP B 141 -16.41 10.06 -23.81
CA ASP B 141 -14.98 10.45 -23.79
C ASP B 141 -14.16 9.16 -23.93
N VAL B 142 -13.30 9.13 -24.94
CA VAL B 142 -12.41 7.97 -25.22
C VAL B 142 -10.99 8.30 -24.77
N VAL B 143 -10.42 7.45 -23.92
CA VAL B 143 -9.01 7.58 -23.48
C VAL B 143 -8.30 6.31 -23.93
N ILE B 144 -7.38 6.53 -24.85
CA ILE B 144 -6.53 5.48 -25.46
C ILE B 144 -5.32 5.27 -24.55
N TYR B 145 -5.03 4.02 -24.19
CA TYR B 145 -3.85 3.67 -23.37
C TYR B 145 -2.81 2.99 -24.25
N CYS B 146 -1.57 3.49 -24.23
CA CYS B 146 -0.43 3.01 -25.07
C CYS B 146 0.86 2.87 -24.24
N ARG B 147 1.92 2.34 -24.85
CA ARG B 147 3.10 1.75 -24.17
C ARG B 147 4.32 2.67 -24.31
N ASP B 148 4.73 2.94 -25.55
CA ASP B 148 6.03 3.58 -25.87
C ASP B 148 5.78 5.09 -25.95
N LYS B 149 6.57 5.86 -25.23
CA LYS B 149 6.56 7.35 -25.28
C LYS B 149 6.47 7.76 -26.75
N GLU B 150 7.02 6.97 -27.68
CA GLU B 150 6.94 7.31 -29.12
C GLU B 150 5.52 7.04 -29.65
N TRP B 151 4.89 5.96 -29.22
CA TRP B 151 3.49 5.65 -29.62
C TRP B 151 2.57 6.74 -29.08
N GLU B 152 2.68 7.09 -27.79
CA GLU B 152 1.93 8.22 -27.15
C GLU B 152 2.06 9.45 -28.06
N LYS B 153 3.28 9.77 -28.50
CA LYS B 153 3.57 10.94 -29.36
C LYS B 153 2.73 10.83 -30.63
N LYS B 154 2.82 9.71 -31.35
CA LYS B 154 2.18 9.54 -32.69
C LYS B 154 0.66 9.50 -32.57
N ILE B 155 0.11 8.91 -31.51
CA ILE B 155 -1.37 8.84 -31.25
C ILE B 155 -1.86 10.25 -30.92
N SER B 156 -1.16 10.93 -30.01
CA SER B 156 -1.46 12.35 -29.65
C SER B 156 -1.53 13.19 -30.92
N GLU B 157 -0.54 13.06 -31.81
CA GLU B 157 -0.45 13.83 -33.09
C GLU B 157 -1.65 13.52 -33.99
N ALA B 158 -2.08 12.26 -34.03
CA ALA B 158 -3.20 11.83 -34.90
C ALA B 158 -4.50 12.46 -34.39
N ILE B 159 -4.71 12.52 -33.08
CA ILE B 159 -5.90 13.14 -32.41
C ILE B 159 -5.95 14.64 -32.76
N GLN B 160 -4.81 15.35 -32.62
CA GLN B 160 -4.71 16.83 -32.76
C GLN B 160 -4.94 17.26 -34.21
N MET B 161 -4.44 16.48 -35.15
CA MET B 161 -4.51 16.81 -36.60
C MET B 161 -5.96 16.94 -37.07
N ARG B 162 -6.92 16.33 -36.36
CA ARG B 162 -8.31 16.20 -36.86
C ARG B 162 -9.17 17.34 -36.31
N THR B 163 -8.67 18.10 -35.33
CA THR B 163 -9.43 19.04 -34.48
C THR B 163 -9.05 20.49 -34.82
N GLY C 1 17.04 20.12 9.71
CA GLY C 1 15.80 19.67 10.42
C GLY C 1 15.30 20.73 11.38
N ALA C 2 14.01 20.67 11.77
CA ALA C 2 13.43 21.53 12.81
C ALA C 2 14.05 21.14 14.16
N MET C 3 14.25 22.12 15.05
CA MET C 3 14.93 21.87 16.35
C MET C 3 14.07 20.96 17.24
N ALA C 4 12.74 21.00 17.10
CA ALA C 4 11.81 20.11 17.84
C ALA C 4 10.72 19.70 16.87
N PRO C 5 11.00 18.74 15.96
CA PRO C 5 10.02 18.36 14.93
C PRO C 5 8.62 18.14 15.50
N SER C 6 7.61 18.74 14.86
CA SER C 6 6.21 18.76 15.35
C SER C 6 5.22 18.45 14.22
N TYR C 7 3.97 18.18 14.61
CA TYR C 7 2.81 18.09 13.73
C TYR C 7 1.82 19.19 14.14
N ARG C 8 1.25 19.90 13.17
CA ARG C 8 0.20 20.92 13.40
C ARG C 8 -0.87 20.71 12.35
N VAL C 9 -2.10 21.16 12.64
CA VAL C 9 -3.18 21.19 11.62
C VAL C 9 -3.70 22.61 11.51
N LYS C 10 -4.02 22.99 10.26
CA LYS C 10 -4.58 24.32 9.89
C LYS C 10 -5.77 24.10 8.97
N ARG C 11 -6.88 24.78 9.28
CA ARG C 11 -8.06 24.85 8.41
C ARG C 11 -7.91 26.08 7.51
N MET C 12 -7.44 25.90 6.27
CA MET C 12 -6.87 27.00 5.47
C MET C 12 -6.48 26.47 4.09
N ASP C 13 -6.51 27.33 3.08
CA ASP C 13 -6.12 27.01 1.69
C ASP C 13 -4.62 26.64 1.70
N ILE C 14 -4.29 25.42 1.26
CA ILE C 14 -2.88 24.94 1.26
C ILE C 14 -2.09 25.83 0.28
N ALA C 15 -2.78 26.48 -0.67
CA ALA C 15 -2.08 27.34 -1.65
C ALA C 15 -1.50 28.60 -1.00
N LYS C 16 -1.88 28.88 0.26
N LYS C 16 -1.89 28.91 0.24
CA LYS C 16 -1.42 30.04 1.07
CA LYS C 16 -1.37 30.07 1.03
C LYS C 16 -0.62 29.56 2.27
C LYS C 16 -0.62 29.56 2.27
N ASN C 17 -0.01 28.38 2.20
CA ASN C 17 0.78 27.82 3.31
C ASN C 17 2.00 28.71 3.66
N ASP C 18 2.52 28.47 4.85
CA ASP C 18 3.69 29.17 5.46
C ASP C 18 4.87 28.22 5.63
N GLU C 19 4.93 27.15 4.83
CA GLU C 19 6.04 26.18 4.94
C GLU C 19 6.99 26.24 3.74
N GLU C 20 8.11 25.52 3.85
CA GLU C 20 9.24 25.58 2.86
C GLU C 20 8.94 24.79 1.59
N CYS C 21 7.92 23.92 1.59
CA CYS C 21 7.46 23.18 0.40
C CYS C 21 6.03 22.71 0.61
N VAL C 22 5.40 22.24 -0.47
CA VAL C 22 3.98 21.83 -0.47
C VAL C 22 3.85 20.46 -1.11
N VAL C 23 2.95 19.67 -0.55
CA VAL C 23 2.53 18.39 -1.18
C VAL C 23 1.25 18.65 -1.92
N ASN C 24 1.28 18.38 -3.22
CA ASN C 24 0.07 18.40 -4.07
C ASN C 24 -0.59 17.01 -4.05
N ALA C 25 -1.89 16.96 -3.85
CA ALA C 25 -2.70 15.73 -4.03
C ALA C 25 -2.92 15.57 -5.54
N ALA C 26 -1.91 15.05 -6.21
CA ALA C 26 -1.74 15.04 -7.67
C ALA C 26 -2.54 13.88 -8.30
N ASN C 27 -2.69 13.93 -9.63
CA ASN C 27 -3.28 12.85 -10.44
C ASN C 27 -2.14 12.32 -11.30
N PRO C 28 -2.19 11.04 -11.72
CA PRO C 28 -1.06 10.44 -12.43
C PRO C 28 -0.72 11.15 -13.76
N ARG C 29 -1.67 11.90 -14.32
CA ARG C 29 -1.50 12.59 -15.63
C ARG C 29 -0.73 13.91 -15.46
N GLY C 30 -0.76 14.55 -14.30
CA GLY C 30 -0.10 15.86 -14.08
C GLY C 30 -0.99 17.01 -14.53
N LEU C 31 -2.31 16.78 -14.52
CA LEU C 31 -3.39 17.74 -14.90
C LEU C 31 -3.78 18.62 -13.71
N PRO C 32 -4.23 19.87 -13.98
CA PRO C 32 -4.80 20.73 -12.95
C PRO C 32 -5.78 20.05 -11.97
N GLY C 33 -6.60 19.11 -12.44
CA GLY C 33 -7.55 18.36 -11.59
C GLY C 33 -8.51 19.30 -10.86
N ASP C 34 -8.98 18.88 -9.68
CA ASP C 34 -9.98 19.59 -8.83
C ASP C 34 -9.47 19.61 -7.39
N GLY C 35 -10.25 20.21 -6.48
CA GLY C 35 -9.89 20.35 -5.06
C GLY C 35 -8.51 20.96 -4.91
N VAL C 36 -7.66 20.38 -4.03
CA VAL C 36 -6.34 20.96 -3.66
C VAL C 36 -5.46 21.06 -4.91
N CYS C 37 -5.51 20.05 -5.81
CA CYS C 37 -4.73 20.01 -7.07
C CYS C 37 -4.99 21.28 -7.90
N LYS C 38 -6.22 21.82 -7.91
CA LYS C 38 -6.60 23.02 -8.72
C LYS C 38 -6.08 24.31 -8.06
N ALA C 39 -6.30 24.49 -6.75
CA ALA C 39 -5.72 25.57 -5.93
C ALA C 39 -4.19 25.61 -6.11
N VAL C 40 -3.56 24.43 -6.14
CA VAL C 40 -2.09 24.27 -6.28
C VAL C 40 -1.70 24.67 -7.70
N TYR C 41 -2.46 24.24 -8.71
CA TYR C 41 -2.20 24.56 -10.13
C TYR C 41 -2.26 26.07 -10.34
N LYS C 42 -3.22 26.75 -9.71
CA LYS C 42 -3.38 28.22 -9.86
C LYS C 42 -2.21 28.96 -9.17
N LYS C 43 -1.69 28.43 -8.05
CA LYS C 43 -0.59 29.11 -7.31
C LYS C 43 0.77 28.82 -7.95
N TRP C 44 1.02 27.59 -8.37
CA TRP C 44 2.35 27.13 -8.85
C TRP C 44 2.22 26.39 -10.18
N PRO C 45 1.66 27.04 -11.22
CA PRO C 45 1.48 26.36 -12.51
C PRO C 45 2.79 25.81 -13.12
N GLU C 46 3.90 26.51 -12.94
CA GLU C 46 5.23 26.13 -13.50
C GLU C 46 5.65 24.75 -12.94
N SER C 47 5.18 24.38 -11.75
CA SER C 47 5.52 23.06 -11.14
C SER C 47 4.84 21.88 -11.87
N PHE C 48 3.88 22.13 -12.77
CA PHE C 48 3.14 21.06 -13.53
C PHE C 48 3.84 20.66 -14.84
N LYS C 49 5.02 21.23 -15.14
CA LYS C 49 5.93 20.78 -16.22
C LYS C 49 6.48 19.36 -15.93
N ASN C 50 6.04 18.36 -16.71
CA ASN C 50 6.51 16.95 -16.58
C ASN C 50 6.32 16.49 -15.13
N SER C 51 5.18 16.84 -14.52
CA SER C 51 4.82 16.44 -13.13
C SER C 51 4.13 15.08 -13.11
N ALA C 52 3.76 14.53 -14.28
CA ALA C 52 3.09 13.20 -14.37
C ALA C 52 3.93 12.18 -13.62
N THR C 53 3.30 11.35 -12.79
CA THR C 53 3.93 10.26 -11.98
C THR C 53 2.82 9.27 -11.57
N PRO C 54 3.15 7.98 -11.45
CA PRO C 54 2.15 6.94 -11.18
C PRO C 54 1.55 6.94 -9.76
N VAL C 55 0.33 6.40 -9.63
CA VAL C 55 -0.30 6.07 -8.30
C VAL C 55 0.79 5.42 -7.42
N GLY C 56 0.89 5.84 -6.15
CA GLY C 56 1.82 5.28 -5.16
C GLY C 56 3.19 5.93 -5.17
N THR C 57 3.36 6.99 -5.96
CA THR C 57 4.67 7.67 -6.11
C THR C 57 4.53 9.17 -5.83
N ALA C 58 5.69 9.82 -5.70
CA ALA C 58 5.77 11.29 -5.59
C ALA C 58 6.90 11.79 -6.47
N LYS C 59 6.68 12.94 -7.10
CA LYS C 59 7.67 13.60 -7.97
C LYS C 59 7.69 15.09 -7.64
N THR C 60 8.87 15.63 -7.34
CA THR C 60 9.02 17.05 -7.00
C THR C 60 9.34 17.85 -8.27
N VAL C 61 8.62 18.94 -8.47
CA VAL C 61 9.01 19.95 -9.48
C VAL C 61 9.04 21.32 -8.83
N MET C 62 10.09 22.08 -9.15
CA MET C 62 10.26 23.46 -8.62
C MET C 62 9.39 24.45 -9.39
N CYS C 63 8.75 25.35 -8.65
CA CYS C 63 8.13 26.59 -9.12
C CYS C 63 9.06 27.74 -8.67
N GLY C 64 9.95 28.19 -9.55
CA GLY C 64 11.12 28.99 -9.12
C GLY C 64 12.08 28.15 -8.30
N THR C 65 12.26 28.44 -7.00
CA THR C 65 12.99 27.56 -6.06
C THR C 65 12.03 26.91 -5.05
N TYR C 66 10.71 27.09 -5.20
CA TYR C 66 9.73 26.57 -4.19
C TYR C 66 9.34 25.14 -4.60
N PRO C 67 9.67 24.07 -3.82
CA PRO C 67 9.38 22.71 -4.26
C PRO C 67 7.89 22.38 -4.11
N VAL C 68 7.34 21.79 -5.17
CA VAL C 68 5.98 21.20 -5.16
C VAL C 68 6.14 19.69 -5.32
N ILE C 69 5.75 18.94 -4.29
CA ILE C 69 5.88 17.46 -4.26
C ILE C 69 4.55 16.89 -4.73
N HIS C 70 4.50 16.40 -5.98
CA HIS C 70 3.26 15.84 -6.56
C HIS C 70 3.11 14.39 -6.07
N ALA C 71 2.19 14.14 -5.16
CA ALA C 71 2.03 12.81 -4.51
C ALA C 71 0.71 12.24 -5.00
N VAL C 72 0.80 11.05 -5.61
CA VAL C 72 -0.40 10.44 -6.25
C VAL C 72 -0.93 9.30 -5.36
N GLY C 73 -1.96 9.60 -4.57
CA GLY C 73 -2.73 8.57 -3.83
C GLY C 73 -3.60 7.78 -4.79
N PRO C 74 -4.05 6.58 -4.38
CA PRO C 74 -5.04 5.84 -5.17
C PRO C 74 -6.42 6.48 -5.10
N ASN C 75 -7.15 6.34 -6.21
CA ASN C 75 -8.58 6.66 -6.25
C ASN C 75 -9.35 5.40 -5.83
N PHE C 76 -10.03 5.44 -4.69
CA PHE C 76 -10.72 4.23 -4.15
C PHE C 76 -12.01 3.87 -4.91
N SER C 77 -12.42 4.68 -5.89
CA SER C 77 -13.50 4.30 -6.83
C SER C 77 -13.00 3.23 -7.80
N ASN C 78 -11.67 3.11 -7.96
CA ASN C 78 -11.02 2.23 -8.95
C ASN C 78 -10.05 1.26 -8.29
N TYR C 79 -9.88 1.30 -6.98
CA TYR C 79 -8.98 0.35 -6.27
C TYR C 79 -9.83 -0.41 -5.26
N THR C 80 -9.51 -1.68 -5.02
CA THR C 80 -10.10 -2.42 -3.87
C THR C 80 -9.56 -1.81 -2.57
N GLU C 81 -10.19 -2.11 -1.46
CA GLU C 81 -9.70 -1.65 -0.12
C GLU C 81 -8.30 -2.18 0.11
N SER C 82 -8.05 -3.44 -0.24
CA SER C 82 -6.74 -4.07 -0.02
C SER C 82 -5.66 -3.38 -0.86
N GLU C 83 -5.89 -3.25 -2.17
CA GLU C 83 -4.85 -2.73 -3.09
C GLU C 83 -4.66 -1.23 -2.79
N GLY C 84 -5.75 -0.51 -2.53
CA GLY C 84 -5.66 0.93 -2.29
C GLY C 84 -4.94 1.22 -1.01
N ASP C 85 -5.12 0.39 0.02
CA ASP C 85 -4.42 0.63 1.30
C ASP C 85 -2.91 0.60 1.10
N ARG C 86 -2.43 -0.33 0.29
CA ARG C 86 -0.99 -0.46 -0.04
C ARG C 86 -0.49 0.78 -0.80
N GLU C 87 -1.22 1.21 -1.83
CA GLU C 87 -0.79 2.36 -2.68
C GLU C 87 -0.78 3.65 -1.84
N LEU C 88 -1.72 3.79 -0.90
CA LEU C 88 -1.84 5.03 -0.07
C LEU C 88 -0.61 5.08 0.84
N ALA C 89 -0.27 3.95 1.47
CA ALA C 89 0.94 3.86 2.32
C ALA C 89 2.17 4.26 1.50
N ALA C 90 2.27 3.75 0.26
CA ALA C 90 3.45 3.94 -0.60
C ALA C 90 3.56 5.41 -1.00
N ALA C 91 2.45 6.06 -1.33
CA ALA C 91 2.42 7.48 -1.76
C ALA C 91 3.04 8.29 -0.61
N TYR C 92 2.61 8.04 0.64
CA TYR C 92 3.17 8.77 1.78
C TYR C 92 4.66 8.48 2.01
N ARG C 93 5.09 7.22 1.85
N ARG C 93 5.09 7.23 1.82
CA ARG C 93 6.52 6.87 1.98
CA ARG C 93 6.52 6.87 1.98
C ARG C 93 7.33 7.70 0.97
C ARG C 93 7.36 7.64 0.95
N GLU C 94 6.83 7.83 -0.26
CA GLU C 94 7.54 8.62 -1.30
C GLU C 94 7.54 10.11 -0.91
N VAL C 95 6.51 10.63 -0.23
CA VAL C 95 6.53 12.04 0.26
C VAL C 95 7.65 12.17 1.29
N ALA C 96 7.78 11.22 2.23
CA ALA C 96 8.84 11.29 3.27
C ALA C 96 10.21 11.29 2.62
N LYS C 97 10.39 10.49 1.57
CA LYS C 97 11.68 10.44 0.84
C LYS C 97 11.96 11.81 0.20
N GLU C 98 10.98 12.40 -0.47
CA GLU C 98 11.16 13.68 -1.20
C GLU C 98 11.43 14.82 -0.23
N VAL C 99 10.68 14.90 0.88
CA VAL C 99 10.95 15.93 1.92
C VAL C 99 12.39 15.79 2.42
N THR C 100 12.85 14.56 2.68
CA THR C 100 14.22 14.30 3.21
C THR C 100 15.25 14.76 2.15
N ARG C 101 15.05 14.36 0.91
CA ARG C 101 15.97 14.72 -0.20
C ARG C 101 16.12 16.24 -0.28
N LEU C 102 15.03 16.98 -0.17
CA LEU C 102 15.03 18.46 -0.34
C LEU C 102 15.75 19.15 0.82
N GLY C 103 15.86 18.54 2.00
CA GLY C 103 16.51 19.18 3.15
C GLY C 103 15.67 20.27 3.80
N VAL C 104 14.38 20.38 3.46
CA VAL C 104 13.43 21.39 4.04
C VAL C 104 13.24 21.17 5.56
N ASN C 105 12.95 22.25 6.30
CA ASN C 105 12.65 22.18 7.74
C ASN C 105 11.14 22.11 7.98
N SER C 106 10.34 22.25 6.95
CA SER C 106 8.86 22.24 7.07
C SER C 106 8.23 21.85 5.75
N VAL C 107 7.02 21.33 5.84
CA VAL C 107 6.19 20.85 4.70
C VAL C 107 4.71 21.00 5.03
N ALA C 108 3.94 21.48 4.06
CA ALA C 108 2.48 21.61 4.04
C ALA C 108 1.93 20.39 3.30
N ILE C 109 1.05 19.63 3.94
N ILE C 109 0.97 19.68 3.89
CA ILE C 109 0.50 18.34 3.42
CA ILE C 109 0.53 18.36 3.36
C ILE C 109 -1.02 18.33 3.52
C ILE C 109 -0.97 18.21 3.55
N PRO C 110 -1.72 17.80 2.49
CA PRO C 110 -3.13 17.49 2.60
C PRO C 110 -3.30 16.00 2.91
N LEU C 111 -4.47 15.57 3.36
CA LEU C 111 -4.71 14.10 3.55
C LEU C 111 -5.05 13.50 2.18
N LEU C 112 -4.17 12.64 1.70
CA LEU C 112 -4.27 11.95 0.39
C LEU C 112 -5.46 11.01 0.40
N SER C 113 -6.11 10.90 -0.75
CA SER C 113 -7.20 9.94 -1.01
C SER C 113 -8.42 10.23 -0.14
N THR C 114 -8.71 11.49 0.26
CA THR C 114 -9.88 11.77 1.13
C THR C 114 -10.98 12.60 0.44
N GLY C 115 -10.76 13.07 -0.78
CA GLY C 115 -11.78 13.91 -1.44
C GLY C 115 -12.50 13.09 -2.51
N VAL C 116 -12.38 13.50 -3.76
CA VAL C 116 -13.00 12.78 -4.90
C VAL C 116 -12.27 11.45 -5.13
N TYR C 117 -11.07 11.22 -4.54
CA TYR C 117 -10.33 9.92 -4.60
C TYR C 117 -10.77 8.98 -3.46
N SER C 118 -11.73 9.40 -2.63
CA SER C 118 -12.16 8.63 -1.42
C SER C 118 -13.11 7.46 -1.73
N GLY C 119 -13.64 7.36 -2.95
CA GLY C 119 -14.69 6.39 -3.29
C GLY C 119 -15.91 6.55 -2.41
N GLY C 120 -16.17 7.77 -1.95
CA GLY C 120 -17.31 8.14 -1.09
C GLY C 120 -17.23 7.57 0.34
N LYS C 121 -16.06 7.22 0.86
CA LYS C 121 -15.90 6.71 2.26
C LYS C 121 -15.18 7.78 3.09
N ASP C 122 -15.43 7.83 4.39
CA ASP C 122 -14.65 8.67 5.35
C ASP C 122 -13.26 8.02 5.52
N ARG C 123 -12.21 8.67 5.01
CA ARG C 123 -10.82 8.11 5.10
C ARG C 123 -9.90 8.97 5.98
N LEU C 124 -10.41 9.78 6.90
CA LEU C 124 -9.57 10.65 7.75
C LEU C 124 -8.55 9.80 8.53
N THR C 125 -9.04 8.84 9.31
CA THR C 125 -8.20 7.99 10.18
C THR C 125 -7.21 7.21 9.33
N GLN C 126 -7.68 6.55 8.27
CA GLN C 126 -6.80 5.74 7.41
C GLN C 126 -5.66 6.63 6.84
N SER C 127 -6.05 7.73 6.24
CA SER C 127 -5.06 8.60 5.54
C SER C 127 -4.08 9.16 6.58
N LEU C 128 -4.60 9.64 7.71
CA LEU C 128 -3.76 10.25 8.75
C LEU C 128 -2.81 9.21 9.34
N ASN C 129 -3.27 7.97 9.54
CA ASN C 129 -2.40 6.88 10.04
C ASN C 129 -1.24 6.67 9.07
N HIS C 130 -1.51 6.59 7.75
CA HIS C 130 -0.42 6.39 6.77
C HIS C 130 0.53 7.60 6.79
N LEU C 131 0.00 8.81 6.93
CA LEU C 131 0.84 10.04 7.00
C LEU C 131 1.82 9.92 8.16
N PHE C 132 1.35 9.59 9.35
CA PHE C 132 2.23 9.44 10.54
C PHE C 132 3.24 8.31 10.33
N THR C 133 2.83 7.14 9.78
CA THR C 133 3.75 5.99 9.58
C THR C 133 4.96 6.47 8.74
N ALA C 134 4.71 7.28 7.70
CA ALA C 134 5.77 7.74 6.77
C ALA C 134 6.56 8.90 7.38
N MET C 135 5.87 9.85 8.04
CA MET C 135 6.51 11.14 8.41
C MET C 135 7.12 11.09 9.81
N ASP C 136 6.81 10.09 10.65
CA ASP C 136 7.32 10.12 12.03
C ASP C 136 8.85 10.08 12.04
N SER C 137 9.49 9.41 11.05
CA SER C 137 10.96 9.26 11.04
C SER C 137 11.67 10.45 10.38
N THR C 138 10.93 11.46 9.92
CA THR C 138 11.47 12.73 9.39
C THR C 138 11.58 13.79 10.47
N ASP C 139 12.46 14.77 10.26
CA ASP C 139 12.69 15.86 11.23
C ASP C 139 12.09 17.17 10.74
N ALA C 140 11.28 17.17 9.70
CA ALA C 140 10.58 18.39 9.21
C ALA C 140 9.41 18.73 10.12
N ASP C 141 9.11 20.02 10.33
CA ASP C 141 7.79 20.40 10.86
C ASP C 141 6.73 20.07 9.80
N VAL C 142 5.71 19.33 10.16
CA VAL C 142 4.64 18.91 9.24
C VAL C 142 3.38 19.68 9.61
N VAL C 143 2.81 20.38 8.65
CA VAL C 143 1.57 21.16 8.83
C VAL C 143 0.52 20.57 7.90
N ILE C 144 -0.54 20.02 8.47
CA ILE C 144 -1.64 19.37 7.70
C ILE C 144 -2.71 20.39 7.40
N TYR C 145 -3.14 20.52 6.14
CA TYR C 145 -4.16 21.52 5.75
C TYR C 145 -5.48 20.82 5.49
N CYS C 146 -6.56 21.36 6.03
CA CYS C 146 -7.91 20.82 5.80
C CYS C 146 -8.86 21.99 5.59
N ARG C 147 -10.10 21.71 5.20
CA ARG C 147 -11.14 22.75 4.96
C ARG C 147 -12.27 22.60 5.98
N ASP C 148 -12.58 21.36 6.39
CA ASP C 148 -13.78 21.07 7.23
C ASP C 148 -13.46 21.26 8.71
N LYS C 149 -14.35 21.92 9.46
CA LYS C 149 -14.11 22.20 10.90
C LYS C 149 -14.17 20.90 11.74
N GLU C 150 -15.01 19.92 11.41
CA GLU C 150 -15.03 18.64 12.16
C GLU C 150 -13.71 17.88 11.94
N TRP C 151 -13.18 17.92 10.71
CA TRP C 151 -11.89 17.26 10.36
C TRP C 151 -10.77 17.94 11.13
N GLU C 152 -10.77 19.27 11.17
CA GLU C 152 -9.72 20.00 11.92
C GLU C 152 -9.67 19.47 13.36
N LYS C 153 -10.82 19.29 13.99
CA LYS C 153 -10.91 18.87 15.41
C LYS C 153 -10.40 17.42 15.58
N LYS C 154 -10.80 16.52 14.69
CA LYS C 154 -10.39 15.09 14.74
C LYS C 154 -8.88 14.96 14.47
N ILE C 155 -8.35 15.68 13.48
CA ILE C 155 -6.88 15.63 13.24
C ILE C 155 -6.14 16.20 14.47
N SER C 156 -6.62 17.33 14.97
CA SER C 156 -6.00 17.99 16.15
C SER C 156 -5.95 17.02 17.34
N GLU C 157 -7.05 16.33 17.62
CA GLU C 157 -7.13 15.34 18.74
C GLU C 157 -6.12 14.22 18.50
N ALA C 158 -6.04 13.69 17.29
CA ALA C 158 -5.12 12.60 16.93
C ALA C 158 -3.67 13.01 17.17
N ILE C 159 -3.29 14.24 16.85
CA ILE C 159 -1.91 14.75 17.04
C ILE C 159 -1.60 14.81 18.54
N GLN C 160 -2.51 15.41 19.32
CA GLN C 160 -2.29 15.70 20.75
C GLN C 160 -2.25 14.38 21.55
N MET C 161 -3.00 13.36 21.11
CA MET C 161 -3.09 12.04 21.77
C MET C 161 -1.69 11.44 21.96
N ARG C 162 -0.77 11.67 21.02
CA ARG C 162 0.56 11.02 20.99
C ARG C 162 1.61 11.90 21.70
N THR C 163 1.22 13.11 22.11
CA THR C 163 2.08 14.06 22.89
C THR C 163 1.63 14.02 24.35
N PRO D 5 39.30 4.48 25.28
CA PRO D 5 38.07 3.77 25.68
C PRO D 5 38.20 2.25 25.48
N SER D 6 37.42 1.49 26.26
N SER D 6 37.49 1.49 26.30
CA SER D 6 37.35 0.00 26.24
CA SER D 6 37.36 0.01 26.22
C SER D 6 35.97 -0.43 25.72
C SER D 6 36.00 -0.33 25.60
N TYR D 7 35.94 -1.44 24.85
CA TYR D 7 34.68 -1.89 24.20
C TYR D 7 34.36 -3.31 24.63
N ARG D 8 33.09 -3.55 24.94
CA ARG D 8 32.50 -4.87 25.16
C ARG D 8 31.15 -4.93 24.48
N VAL D 9 30.61 -6.13 24.34
CA VAL D 9 29.26 -6.37 23.76
C VAL D 9 28.47 -7.27 24.72
N LYS D 10 27.19 -6.99 24.91
CA LYS D 10 26.27 -7.87 25.66
C LYS D 10 25.05 -8.17 24.78
N ARG D 11 24.60 -9.42 24.80
CA ARG D 11 23.31 -9.81 24.19
C ARG D 11 22.28 -9.75 25.31
N MET D 12 21.65 -8.60 25.48
CA MET D 12 20.60 -8.42 26.50
C MET D 12 19.92 -7.07 26.27
N ASP D 13 18.78 -6.89 26.94
CA ASP D 13 17.92 -5.68 26.83
C ASP D 13 18.71 -4.48 27.39
N ILE D 14 18.94 -3.46 26.57
CA ILE D 14 19.69 -2.24 26.96
C ILE D 14 18.94 -1.53 28.11
N ALA D 15 17.65 -1.80 28.29
CA ALA D 15 16.83 -1.21 29.39
C ALA D 15 17.28 -1.80 30.73
N LYS D 16 18.08 -2.87 30.70
CA LYS D 16 18.64 -3.49 31.93
C LYS D 16 20.16 -3.35 31.98
N ASN D 17 20.72 -2.28 31.39
CA ASN D 17 22.19 -2.12 31.34
C ASN D 17 22.80 -1.91 32.74
N ASP D 18 24.10 -2.14 32.85
CA ASP D 18 24.91 -1.97 34.08
C ASP D 18 25.84 -0.77 33.92
N GLU D 19 25.51 0.24 33.10
CA GLU D 19 26.41 1.40 32.88
C GLU D 19 25.81 2.71 33.43
N GLU D 20 26.61 3.76 33.48
CA GLU D 20 26.25 5.04 34.16
C GLU D 20 25.24 5.85 33.33
N CYS D 21 25.04 5.52 32.06
CA CYS D 21 24.10 6.25 31.19
C CYS D 21 23.79 5.38 29.98
N VAL D 22 22.73 5.73 29.27
CA VAL D 22 22.21 4.93 28.14
C VAL D 22 22.02 5.86 26.95
N VAL D 23 22.29 5.30 25.77
CA VAL D 23 21.97 5.94 24.46
C VAL D 23 20.72 5.29 23.92
N ASN D 24 19.71 6.12 23.68
CA ASN D 24 18.45 5.68 23.06
C ASN D 24 18.60 5.80 21.55
N ALA D 25 18.13 4.79 20.82
CA ALA D 25 17.99 4.84 19.34
C ALA D 25 16.66 5.54 19.05
N ALA D 26 16.69 6.87 19.11
CA ALA D 26 15.49 7.72 19.18
C ALA D 26 14.92 8.01 17.78
N ASN D 27 13.67 8.45 17.74
CA ASN D 27 13.08 9.12 16.55
C ASN D 27 13.11 10.62 16.75
N PRO D 28 13.06 11.40 15.67
CA PRO D 28 13.24 12.85 15.78
C PRO D 28 12.13 13.57 16.57
N ARG D 29 11.00 12.93 16.75
CA ARG D 29 9.78 13.57 17.33
C ARG D 29 9.65 13.29 18.83
N GLY D 30 10.54 12.48 19.39
CA GLY D 30 10.50 12.06 20.80
C GLY D 30 9.31 11.18 21.12
N LEU D 31 8.85 10.39 20.14
CA LEU D 31 7.72 9.43 20.31
C LEU D 31 8.25 8.14 20.95
N PRO D 32 7.39 7.36 21.63
CA PRO D 32 7.77 6.09 22.22
C PRO D 32 8.42 5.09 21.25
N GLY D 33 7.93 5.05 20.00
CA GLY D 33 8.55 4.28 18.91
C GLY D 33 8.46 2.77 19.13
N ASP D 34 9.46 2.03 18.65
CA ASP D 34 9.51 0.55 18.62
C ASP D 34 10.94 0.10 18.93
N GLY D 35 11.16 -1.21 19.12
CA GLY D 35 12.49 -1.79 19.43
C GLY D 35 13.11 -1.14 20.66
N VAL D 36 14.39 -0.78 20.58
CA VAL D 36 15.17 -0.14 21.68
C VAL D 36 14.36 1.04 22.24
N CYS D 37 13.85 1.92 21.37
CA CYS D 37 13.14 3.16 21.76
C CYS D 37 11.95 2.82 22.67
N LYS D 38 11.19 1.77 22.36
CA LYS D 38 10.01 1.36 23.15
C LYS D 38 10.45 0.86 24.54
N ALA D 39 11.56 0.12 24.59
CA ALA D 39 12.12 -0.45 25.84
C ALA D 39 12.61 0.70 26.74
N VAL D 40 13.26 1.68 26.14
CA VAL D 40 13.77 2.91 26.81
C VAL D 40 12.56 3.70 27.34
N TYR D 41 11.48 3.80 26.55
CA TYR D 41 10.26 4.55 26.96
C TYR D 41 9.64 3.89 28.20
N LYS D 42 9.60 2.57 28.24
CA LYS D 42 8.98 1.82 29.37
C LYS D 42 9.84 2.01 30.62
N LYS D 43 11.17 2.02 30.49
CA LYS D 43 12.10 2.04 31.63
C LYS D 43 12.30 3.47 32.15
N TRP D 44 12.40 4.45 31.25
CA TRP D 44 12.77 5.85 31.60
C TRP D 44 11.81 6.82 30.91
N PRO D 45 10.48 6.71 31.12
CA PRO D 45 9.52 7.56 30.40
C PRO D 45 9.72 9.06 30.67
N GLU D 46 10.19 9.44 31.86
CA GLU D 46 10.44 10.87 32.21
C GLU D 46 11.48 11.52 31.30
N SER D 47 12.38 10.71 30.72
CA SER D 47 13.48 11.17 29.82
C SER D 47 12.92 11.67 28.49
N PHE D 48 11.64 11.42 28.19
CA PHE D 48 11.03 11.83 26.89
C PHE D 48 10.42 13.23 26.94
N LYS D 49 10.60 13.94 28.06
CA LYS D 49 10.14 15.34 28.16
C LYS D 49 11.03 16.21 27.28
N ASN D 50 10.50 16.76 26.20
CA ASN D 50 11.25 17.63 25.26
C ASN D 50 12.51 16.91 24.75
N SER D 51 12.38 15.64 24.36
CA SER D 51 13.50 14.81 23.82
C SER D 51 13.58 14.96 22.28
N ALA D 52 12.60 15.59 21.65
CA ALA D 52 12.58 15.80 20.17
C ALA D 52 13.85 16.53 19.76
N THR D 53 14.49 16.07 18.68
CA THR D 53 15.79 16.60 18.20
C THR D 53 15.97 16.14 16.77
N PRO D 54 16.65 16.93 15.91
CA PRO D 54 16.76 16.57 14.50
C PRO D 54 17.63 15.33 14.26
N VAL D 55 17.49 14.77 13.06
CA VAL D 55 18.37 13.67 12.57
C VAL D 55 19.84 14.11 12.66
N GLY D 56 20.72 13.21 13.09
CA GLY D 56 22.17 13.48 13.25
C GLY D 56 22.55 14.25 14.51
N THR D 57 21.64 14.37 15.47
CA THR D 57 21.90 15.06 16.76
C THR D 57 21.65 14.12 17.95
N ALA D 58 22.16 14.54 19.09
CA ALA D 58 21.91 13.82 20.38
C ALA D 58 21.35 14.85 21.38
N LYS D 59 20.38 14.45 22.17
CA LYS D 59 19.85 15.34 23.24
C LYS D 59 19.71 14.53 24.53
N THR D 60 20.37 14.98 25.58
CA THR D 60 20.41 14.29 26.89
C THR D 60 19.25 14.81 27.76
N VAL D 61 18.41 13.89 28.23
CA VAL D 61 17.39 14.21 29.27
C VAL D 61 17.56 13.23 30.44
N MET D 62 17.55 13.77 31.65
CA MET D 62 17.70 12.98 32.89
C MET D 62 16.38 12.27 33.23
N CYS D 63 16.50 11.04 33.72
CA CYS D 63 15.42 10.33 34.40
C CYS D 63 15.88 10.17 35.86
N GLY D 64 15.42 11.05 36.73
CA GLY D 64 16.10 11.19 38.04
C GLY D 64 17.46 11.79 37.84
N THR D 65 18.54 11.06 38.18
CA THR D 65 19.92 11.49 37.92
C THR D 65 20.56 10.60 36.83
N TYR D 66 19.79 9.73 36.19
CA TYR D 66 20.29 8.78 35.18
C TYR D 66 20.13 9.41 33.78
N PRO D 67 21.24 9.68 33.07
CA PRO D 67 21.16 10.35 31.77
C PRO D 67 20.73 9.40 30.64
N VAL D 68 19.78 9.85 29.83
CA VAL D 68 19.33 9.13 28.63
C VAL D 68 19.73 10.04 27.45
N ILE D 69 20.68 9.59 26.64
CA ILE D 69 21.21 10.37 25.49
C ILE D 69 20.37 9.92 24.30
N HIS D 70 19.39 10.73 23.88
CA HIS D 70 18.53 10.41 22.72
C HIS D 70 19.32 10.73 21.45
N ALA D 71 19.76 9.71 20.74
CA ALA D 71 20.57 9.88 19.51
C ALA D 71 19.70 9.53 18.30
N VAL D 72 19.57 10.45 17.31
CA VAL D 72 18.66 10.24 16.16
C VAL D 72 19.44 9.83 14.90
N GLY D 73 19.51 8.55 14.64
CA GLY D 73 20.13 8.06 13.39
C GLY D 73 19.18 8.30 12.24
N PRO D 74 19.70 8.35 10.99
CA PRO D 74 18.85 8.50 9.85
C PRO D 74 18.08 7.23 9.54
N ASN D 75 16.87 7.40 9.02
CA ASN D 75 16.07 6.30 8.43
C ASN D 75 16.49 6.15 6.97
N PHE D 76 17.23 5.07 6.66
CA PHE D 76 17.73 4.81 5.29
C PHE D 76 16.56 4.49 4.33
N SER D 77 15.32 4.31 4.78
CA SER D 77 14.18 4.36 3.84
C SER D 77 13.99 5.77 3.25
N ASN D 78 14.41 6.84 3.95
CA ASN D 78 14.15 8.23 3.55
C ASN D 78 15.37 8.84 2.87
N TYR D 79 16.59 8.49 3.35
CA TYR D 79 17.88 9.12 2.98
C TYR D 79 18.53 8.27 1.90
N THR D 80 19.28 8.91 1.03
CA THR D 80 20.23 8.21 0.15
C THR D 80 21.32 7.55 0.97
N GLU D 81 22.02 6.59 0.36
CA GLU D 81 23.21 6.01 1.03
C GLU D 81 24.18 7.12 1.42
N SER D 82 24.48 8.06 0.52
CA SER D 82 25.47 9.12 0.75
C SER D 82 25.03 10.04 1.93
N GLU D 83 23.84 10.59 1.87
CA GLU D 83 23.40 11.61 2.89
C GLU D 83 23.18 10.85 4.23
N GLY D 84 22.63 9.65 4.17
CA GLY D 84 22.46 8.79 5.36
C GLY D 84 23.77 8.50 6.05
N ASP D 85 24.82 8.14 5.30
CA ASP D 85 26.13 7.85 5.91
C ASP D 85 26.60 9.05 6.73
N ARG D 86 26.43 10.26 6.19
CA ARG D 86 26.94 11.49 6.82
C ARG D 86 26.16 11.68 8.14
N GLU D 87 24.86 11.47 8.10
CA GLU D 87 23.98 11.72 9.29
C GLU D 87 24.25 10.68 10.39
N LEU D 88 24.57 9.43 10.00
CA LEU D 88 24.89 8.34 10.95
C LEU D 88 26.20 8.67 11.67
N ALA D 89 27.23 9.10 10.92
CA ALA D 89 28.49 9.59 11.49
C ALA D 89 28.20 10.72 12.49
N ALA D 90 27.35 11.68 12.11
CA ALA D 90 27.06 12.89 12.92
C ALA D 90 26.38 12.48 14.24
N ALA D 91 25.42 11.57 14.20
CA ALA D 91 24.67 11.11 15.40
C ALA D 91 25.66 10.55 16.43
N TYR D 92 26.55 9.66 16.01
CA TYR D 92 27.58 9.07 16.91
C TYR D 92 28.54 10.16 17.41
N ARG D 93 28.97 11.09 16.55
CA ARG D 93 29.84 12.22 16.94
C ARG D 93 29.18 13.02 18.09
N GLU D 94 27.88 13.28 17.98
CA GLU D 94 27.13 14.06 19.00
C GLU D 94 26.95 13.24 20.30
N VAL D 95 26.81 11.92 20.19
CA VAL D 95 26.79 11.00 21.37
C VAL D 95 28.13 11.12 22.12
N ALA D 96 29.25 11.03 21.41
CA ALA D 96 30.61 11.09 22.01
C ALA D 96 30.75 12.40 22.78
N LYS D 97 30.31 13.52 22.20
CA LYS D 97 30.41 14.85 22.84
C LYS D 97 29.60 14.85 24.16
N GLU D 98 28.39 14.29 24.14
CA GLU D 98 27.53 14.21 25.37
C GLU D 98 28.18 13.32 26.45
N VAL D 99 28.74 12.18 26.07
CA VAL D 99 29.40 11.26 27.04
C VAL D 99 30.55 12.01 27.73
N THR D 100 31.38 12.70 26.95
CA THR D 100 32.53 13.49 27.48
C THR D 100 31.98 14.56 28.42
N ARG D 101 30.96 15.31 27.97
CA ARG D 101 30.39 16.45 28.74
C ARG D 101 29.84 15.95 30.09
N LEU D 102 29.21 14.79 30.11
CA LEU D 102 28.56 14.24 31.33
C LEU D 102 29.61 13.71 32.31
N GLY D 103 30.82 13.41 31.85
CA GLY D 103 31.92 12.89 32.70
C GLY D 103 31.67 11.48 33.21
N VAL D 104 30.82 10.71 32.53
CA VAL D 104 30.50 9.32 32.95
C VAL D 104 31.71 8.41 32.72
N ASN D 105 31.78 7.33 33.47
CA ASN D 105 32.84 6.31 33.37
C ASN D 105 32.42 5.27 32.34
N SER D 106 31.13 5.15 32.04
CA SER D 106 30.62 4.05 31.20
C SER D 106 29.34 4.49 30.49
N VAL D 107 29.04 3.83 29.38
CA VAL D 107 27.85 4.13 28.54
C VAL D 107 27.40 2.86 27.84
N ALA D 108 26.10 2.61 27.87
CA ALA D 108 25.36 1.54 27.18
C ALA D 108 24.91 2.13 25.85
N ILE D 109 25.24 1.48 24.73
N ILE D 109 25.32 1.52 24.72
CA ILE D 109 24.96 2.04 23.38
CA ILE D 109 25.01 2.03 23.35
C ILE D 109 24.47 0.94 22.44
C ILE D 109 24.42 0.91 22.49
N PRO D 110 23.40 1.20 21.66
CA PRO D 110 22.95 0.29 20.64
C PRO D 110 23.52 0.70 19.29
N LEU D 111 23.38 -0.16 18.29
CA LEU D 111 23.85 0.16 16.92
C LEU D 111 22.74 0.94 16.19
N LEU D 112 22.97 2.24 16.04
CA LEU D 112 22.00 3.17 15.42
C LEU D 112 21.74 2.77 13.97
N SER D 113 20.51 2.89 13.54
CA SER D 113 20.08 2.74 12.12
C SER D 113 20.20 1.28 11.62
N THR D 114 20.27 0.29 12.52
CA THR D 114 20.42 -1.15 12.14
C THR D 114 19.11 -1.96 12.24
N GLY D 115 18.03 -1.37 12.76
CA GLY D 115 16.71 -1.99 12.82
C GLY D 115 15.75 -1.42 11.79
N VAL D 116 14.61 -0.90 12.23
CA VAL D 116 13.56 -0.39 11.32
C VAL D 116 14.07 0.85 10.57
N TYR D 117 15.21 1.44 10.93
CA TYR D 117 15.80 2.57 10.15
C TYR D 117 16.84 2.04 9.15
N SER D 118 16.96 0.71 8.96
CA SER D 118 18.07 0.12 8.15
C SER D 118 17.75 0.13 6.65
N GLY D 119 16.50 0.41 6.27
CA GLY D 119 16.01 0.40 4.88
C GLY D 119 16.17 -1.00 4.28
N GLY D 120 16.00 -2.04 5.12
CA GLY D 120 16.04 -3.46 4.72
C GLY D 120 17.44 -3.97 4.42
N LYS D 121 18.49 -3.24 4.80
CA LYS D 121 19.90 -3.63 4.57
C LYS D 121 20.57 -4.01 5.89
N ASP D 122 21.59 -4.89 5.82
CA ASP D 122 22.46 -5.24 6.97
C ASP D 122 23.49 -4.13 7.13
N ARG D 123 23.34 -3.31 8.17
CA ARG D 123 24.23 -2.17 8.45
C ARG D 123 25.05 -2.38 9.73
N LEU D 124 25.25 -3.61 10.17
CA LEU D 124 26.12 -3.88 11.34
C LEU D 124 27.50 -3.26 11.17
N THR D 125 28.27 -3.59 10.10
CA THR D 125 29.65 -3.06 9.94
C THR D 125 29.64 -1.53 9.81
N GLN D 126 28.70 -1.01 9.06
CA GLN D 126 28.63 0.46 8.82
C GLN D 126 28.36 1.18 10.16
N SER D 127 27.34 0.71 10.88
CA SER D 127 26.98 1.36 12.19
C SER D 127 28.13 1.21 13.21
N LEU D 128 28.74 0.02 13.32
CA LEU D 128 29.86 -0.23 14.25
C LEU D 128 31.08 0.62 13.87
N ASN D 129 31.38 0.84 12.59
CA ASN D 129 32.55 1.69 12.20
C ASN D 129 32.37 3.14 12.65
N HIS D 130 31.20 3.74 12.46
CA HIS D 130 30.89 5.12 12.94
C HIS D 130 30.96 5.18 14.48
N LEU D 131 30.49 4.14 15.15
CA LEU D 131 30.50 4.05 16.65
C LEU D 131 31.96 4.11 17.13
N PHE D 132 32.85 3.30 16.54
CA PHE D 132 34.27 3.25 16.98
C PHE D 132 34.94 4.60 16.75
N THR D 133 34.74 5.18 15.55
CA THR D 133 35.37 6.46 15.15
C THR D 133 34.99 7.57 16.14
N ALA D 134 33.71 7.64 16.50
CA ALA D 134 33.18 8.66 17.42
C ALA D 134 33.68 8.38 18.85
N MET D 135 33.49 7.15 19.33
CA MET D 135 33.68 6.84 20.76
C MET D 135 35.17 6.70 21.09
N ASP D 136 36.02 6.46 20.07
CA ASP D 136 37.50 6.44 20.29
C ASP D 136 37.99 7.76 20.89
N SER D 137 37.30 8.88 20.71
CA SER D 137 37.70 10.22 21.23
C SER D 137 37.26 10.39 22.70
N THR D 138 36.57 9.42 23.29
CA THR D 138 36.20 9.46 24.74
C THR D 138 37.12 8.54 25.55
N ASP D 139 37.07 8.60 26.88
CA ASP D 139 37.81 7.62 27.73
C ASP D 139 36.84 6.70 28.51
N ALA D 140 35.57 6.63 28.11
CA ALA D 140 34.53 5.85 28.81
C ALA D 140 34.64 4.38 28.42
N ASP D 141 34.29 3.48 29.35
CA ASP D 141 33.95 2.09 29.03
C ASP D 141 32.66 2.11 28.22
N VAL D 142 32.72 1.54 27.01
CA VAL D 142 31.57 1.46 26.09
C VAL D 142 31.10 0.03 26.06
N VAL D 143 29.82 -0.18 26.31
CA VAL D 143 29.15 -1.51 26.26
C VAL D 143 28.04 -1.48 25.20
N ILE D 144 28.25 -2.22 24.12
CA ILE D 144 27.30 -2.32 22.98
C ILE D 144 26.27 -3.39 23.28
N TYR D 145 24.99 -3.06 23.13
CA TYR D 145 23.87 -3.99 23.40
C TYR D 145 23.25 -4.46 22.06
N CYS D 146 23.05 -5.77 21.91
CA CYS D 146 22.36 -6.40 20.76
C CYS D 146 21.40 -7.50 21.26
N ARG D 147 20.57 -8.07 20.40
CA ARG D 147 19.52 -9.05 20.78
C ARG D 147 19.64 -10.34 19.96
N ASP D 148 20.76 -10.55 19.28
CA ASP D 148 20.93 -11.66 18.30
C ASP D 148 22.33 -12.28 18.45
N LYS D 149 22.42 -13.61 18.52
CA LYS D 149 23.70 -14.31 18.79
C LYS D 149 24.70 -14.10 17.64
N GLU D 150 24.24 -14.11 16.39
CA GLU D 150 25.16 -13.93 15.24
C GLU D 150 25.68 -12.48 15.26
N TRP D 151 24.84 -11.50 15.61
CA TRP D 151 25.29 -10.09 15.74
C TRP D 151 26.27 -9.94 16.90
N GLU D 152 25.97 -10.56 18.05
CA GLU D 152 26.88 -10.61 19.23
C GLU D 152 28.25 -11.10 18.76
N LYS D 153 28.28 -12.24 18.07
CA LYS D 153 29.52 -12.88 17.58
C LYS D 153 30.26 -11.89 16.67
N LYS D 154 29.55 -11.32 15.68
CA LYS D 154 30.15 -10.38 14.70
C LYS D 154 30.68 -9.11 15.39
N ILE D 155 29.91 -8.51 16.31
CA ILE D 155 30.36 -7.31 17.08
C ILE D 155 31.60 -7.71 17.88
N SER D 156 31.58 -8.86 18.54
CA SER D 156 32.74 -9.33 19.33
C SER D 156 33.97 -9.49 18.42
N GLU D 157 33.81 -10.12 17.26
CA GLU D 157 34.95 -10.31 16.31
C GLU D 157 35.50 -8.93 15.94
N ALA D 158 34.63 -7.96 15.64
CA ALA D 158 35.06 -6.59 15.22
C ALA D 158 35.87 -5.92 16.33
N ILE D 159 35.49 -6.08 17.60
CA ILE D 159 36.22 -5.44 18.74
C ILE D 159 37.62 -6.06 18.82
N GLN D 160 37.67 -7.39 18.70
CA GLN D 160 38.93 -8.21 18.84
C GLN D 160 39.95 -7.74 17.78
N MET D 161 39.50 -7.43 16.56
CA MET D 161 40.41 -7.18 15.41
C MET D 161 41.06 -5.79 15.47
N ARG D 162 40.59 -4.87 16.33
CA ARG D 162 41.15 -3.49 16.43
C ARG D 162 42.35 -3.46 17.39
N THR D 163 42.36 -4.34 18.38
CA THR D 163 43.41 -4.43 19.42
C THR D 163 44.65 -5.08 18.78
S DMS E . 2.17 -7.93 -3.33
O DMS E . 2.07 -7.68 -1.85
C1 DMS E . 0.99 -9.19 -3.71
C2 DMS E . 3.63 -8.91 -3.58
S DMS F . -3.70 -24.78 5.30
O DMS F . -2.48 -23.93 5.55
C1 DMS F . -4.67 -24.68 6.79
C2 DMS F . -3.16 -26.46 5.49
S DMS G . -12.27 -28.80 -3.46
O DMS G . -12.76 -28.15 -2.21
C1 DMS G . -13.47 -28.42 -4.72
C2 DMS G . -12.64 -30.53 -3.30
C TRS H . -10.02 -24.36 21.73
C1 TRS H . -11.20 -23.63 21.09
C2 TRS H . -8.81 -23.43 21.93
C3 TRS H . -10.44 -24.97 23.06
N TRS H . -9.59 -25.47 20.79
O1 TRS H . -12.31 -24.49 20.81
O2 TRS H . -9.11 -22.33 22.78
O3 TRS H . -9.59 -26.05 23.46
S DMS I . -6.31 -5.69 16.05
O DMS I . -7.58 -5.61 15.23
C1 DMS I . -5.13 -6.53 15.07
C2 DMS I . -6.57 -7.01 17.23
S DMS J . -9.60 -24.25 1.68
O DMS J . -9.89 -23.45 2.94
C1 DMS J . -7.90 -23.92 1.25
C2 DMS J . -10.38 -23.37 0.35
S DMS K . -24.08 -15.99 -5.53
O DMS K . -23.53 -14.64 -5.38
C1 DMS K . -24.23 -16.24 -7.29
C2 DMS K . -25.81 -15.94 -5.06
CL CL L . -8.40 -26.36 4.48
CL CL M . -13.37 -24.76 -4.01
CL CL N . -8.35 -15.52 -9.85
S DMS O . -11.50 -18.05 -12.19
O DMS O . -10.91 -18.82 -11.04
C1 DMS O . -10.98 -16.35 -11.99
C2 DMS O . -10.54 -18.42 -13.64
S DMS P . -3.33 -11.28 -25.82
O DMS P . -4.41 -11.90 -24.98
C1 DMS P . -4.15 -10.46 -27.16
C2 DMS P . -2.70 -12.65 -26.74
CL CL Q . -2.38 -7.67 -29.28
N1 A1AP6 R . 1.75 -3.38 -22.83
C4 A1AP6 R . 0.75 -2.51 -22.93
C5 A1AP6 R . -0.09 -2.28 -21.70
C6 A1AP6 R . -1.31 -2.42 -19.63
C7 A1AP6 R . -0.93 -1.22 -21.42
C8 A1AP6 R . -1.11 0.01 -22.25
N A1AP6 R . 3.49 -4.37 -25.94
C A1AP6 R . 4.89 -4.60 -25.58
O A1AP6 R . 1.39 -4.63 -25.18
C1 A1AP6 R . 3.20 -4.36 -27.37
C2 A1AP6 R . 2.51 -4.18 -25.03
C3 A1AP6 R . 2.85 -3.37 -23.78
N2 A1AP6 R . -1.62 -1.32 -20.23
O1 A1AP6 R . 0.48 -1.89 -23.96
S A1AP6 R . -0.17 -3.44 -20.42
S DMS S . -7.86 16.01 -0.53
O DMS S . -6.57 15.46 -1.06
C1 DMS S . -7.42 17.14 0.76
C2 DMS S . -8.45 17.15 -1.74
CL CL T . -11.28 18.66 5.08
CL CL U . -0.49 5.04 -12.57
CL CL V . -8.27 13.25 -3.11
S DMS W . -0.91 33.51 -8.82
O DMS W . -0.09 32.28 -9.04
C1 DMS W . -1.34 33.53 -7.10
C2 DMS W . -2.55 33.18 -9.47
S DMS X . 1.69 -1.03 4.66
O DMS X . 0.51 -0.93 3.69
C1 DMS X . 3.15 -1.26 3.67
C2 DMS X . 1.64 -2.65 5.37
S DMS Y . -14.06 15.47 3.73
O DMS Y . -13.23 16.68 3.40
C1 DMS Y . -15.05 15.12 2.30
C2 DMS Y . -15.35 16.04 4.80
S DMS Z . 18.64 -0.92 16.16
O DMS Z . 17.18 -1.33 16.22
C1 DMS Z . 19.53 -2.17 17.05
C2 DMS Z . 18.82 0.39 17.32
C TRS AA . 21.70 18.32 10.73
C1 TRS AA . 21.25 19.51 9.87
C2 TRS AA . 23.13 17.90 10.37
C3 TRS AA . 21.61 18.69 12.21
N TRS AA . 20.78 17.17 10.47
O1 TRS AA . 21.24 19.17 8.48
O2 TRS AA . 23.57 16.79 11.15
O3 TRS AA . 20.49 19.52 12.49
S DMS BA . 9.78 0.38 35.30
O DMS BA . 10.81 -0.40 34.52
C1 DMS BA . 8.27 0.27 34.35
C2 DMS BA . 10.13 2.10 35.01
S DMS CA . 12.86 3.72 15.83
O DMS CA . 12.29 4.50 16.99
C1 DMS CA . 13.11 2.06 16.42
C2 DMS CA . 14.56 4.19 15.70
CL CL DA . 20.76 -7.25 17.15
CL CL EA . 16.97 1.53 14.05
#